data_4OAW
#
_entry.id   4OAW
#
_cell.length_a   73.710
_cell.length_b   73.710
_cell.length_c   215.950
_cell.angle_alpha   90.00
_cell.angle_beta   90.00
_cell.angle_gamma   120.00
#
_symmetry.space_group_name_H-M   'P 32'
#
loop_
_entity.id
_entity.type
_entity.pdbx_description
1 polymer 'Light chain of Fab fragment of anti-HIV1 gp120 V2 mAb 2158'
2 polymer 'Heavy chain of Fab fragment of anti-HIV1 gp120 V2 mAb 2158'
3 non-polymer 'SULFATE ION'
4 non-polymer GLYCEROL
5 water water
#
loop_
_entity_poly.entity_id
_entity_poly.type
_entity_poly.pdbx_seq_one_letter_code
_entity_poly.pdbx_strand_id
1 'polypeptide(L)'
;DIQMTQSPSTLSASVGDRVTITCRASQTISSWLAWYQQKSGTAPKLLIYKASSIVSGVPSRFSGSGSGTEFTLTITSLQP
DDFATYYCQQYNSSPETFGQGTKVEIKRTVAAPSVFIFPPSDEQLKSGTASVVCLLNNFYPREAKVQWKVDNALQSGNSQ
ESVTEQDSKDSTYSLSSTLTLSKADYEKHKLYACEVTHQGLSSPVTKSFNRGEC
;
A,C
2 'polypeptide(L)'
;QVQLVQSGAEVKKPGSSVKVSCEASGVTSSSYTISWVRLAPGQGLEWMGRITPIFDITNYAQKFQGRVTLTADKSTGTTY
MELSSLRSDDTAVYYCARDKSDVVVVTSIRPAYYYGMDVWGQGTTVTVSSASTKGPSVFPLAPSSKSTSGGTAALGCLVK
DYFPEPVTVSWNSGALTSGVHTFPAVLQSSGLYSLSSVVTVPSSSLGTQTYICNVNHKPSNTKVDKKVEPKSCDKT
;
B,D
#
loop_
_chem_comp.id
_chem_comp.type
_chem_comp.name
_chem_comp.formula
GOL non-polymer GLYCEROL 'C3 H8 O3'
SO4 non-polymer 'SULFATE ION' 'O4 S -2'
#
# COMPACT_ATOMS: atom_id res chain seq x y z
N ASP A 1 -36.72 2.79 -12.88
CA ASP A 1 -35.71 2.92 -11.83
C ASP A 1 -35.90 1.87 -10.72
N ILE A 2 -34.80 1.25 -10.30
CA ILE A 2 -34.86 0.11 -9.41
C ILE A 2 -34.33 0.43 -8.02
N GLN A 3 -35.10 0.11 -6.98
CA GLN A 3 -34.63 0.34 -5.63
C GLN A 3 -34.34 -0.98 -4.94
N MET A 4 -33.17 -1.05 -4.31
CA MET A 4 -32.73 -2.25 -3.62
C MET A 4 -32.82 -2.10 -2.10
N THR A 5 -33.62 -2.95 -1.47
CA THR A 5 -33.70 -2.91 -0.02
C THR A 5 -33.16 -4.23 0.52
N GLN A 6 -32.24 -4.17 1.47
CA GLN A 6 -31.74 -5.38 2.12
C GLN A 6 -32.27 -5.50 3.53
N SER A 7 -32.14 -6.68 4.13
CA SER A 7 -32.51 -6.86 5.53
C SER A 7 -31.63 -7.91 6.20
N PRO A 8 -31.28 -7.67 7.48
CA PRO A 8 -31.63 -6.49 8.27
C PRO A 8 -30.70 -5.30 8.00
N SER A 9 -31.02 -4.11 8.51
CA SER A 9 -30.20 -2.92 8.26
C SER A 9 -28.90 -3.08 9.03
N THR A 10 -28.98 -3.89 10.07
CA THR A 10 -27.84 -4.23 10.88
C THR A 10 -28.10 -5.57 11.59
N LEU A 11 -27.04 -6.27 11.99
CA LEU A 11 -27.19 -7.48 12.79
C LEU A 11 -25.91 -7.83 13.53
N SER A 12 -26.09 -8.26 14.79
CA SER A 12 -24.97 -8.65 15.63
C SER A 12 -24.81 -10.16 15.62
N ALA A 13 -23.59 -10.64 15.45
CA ALA A 13 -23.36 -12.07 15.44
C ALA A 13 -21.97 -12.44 15.96
N SER A 14 -21.72 -13.75 16.05
CA SER A 14 -20.51 -14.28 16.68
C SER A 14 -19.63 -15.00 15.67
N VAL A 15 -18.33 -15.06 15.93
CA VAL A 15 -17.44 -15.92 15.16
C VAL A 15 -17.98 -17.36 15.15
N GLY A 16 -18.01 -17.97 13.96
CA GLY A 16 -18.48 -19.33 13.81
C GLY A 16 -19.89 -19.42 13.26
N ASP A 17 -20.70 -18.40 13.54
CA ASP A 17 -22.13 -18.37 13.20
C ASP A 17 -22.49 -18.38 11.71
N ARG A 18 -23.77 -18.71 11.47
CA ARG A 18 -24.36 -18.77 10.13
C ARG A 18 -25.16 -17.50 9.85
N VAL A 19 -24.55 -16.62 9.07
CA VAL A 19 -25.12 -15.32 8.79
C VAL A 19 -25.72 -15.26 7.38
N THR A 20 -26.94 -14.75 7.27
CA THR A 20 -27.53 -14.56 5.95
C THR A 20 -28.23 -13.21 5.79
N ILE A 21 -27.73 -12.42 4.83
CA ILE A 21 -28.32 -11.14 4.46
C ILE A 21 -29.22 -11.33 3.22
N THR A 22 -30.27 -10.52 3.16
CA THR A 22 -31.37 -10.68 2.21
C THR A 22 -31.44 -9.47 1.29
N CYS A 23 -31.87 -9.65 0.05
CA CYS A 23 -31.95 -8.51 -0.88
C CYS A 23 -33.20 -8.53 -1.78
N ARG A 24 -34.03 -7.50 -1.68
CA ARG A 24 -35.23 -7.40 -2.51
C ARG A 24 -35.09 -6.30 -3.54
N ALA A 25 -35.31 -6.65 -4.81
CA ALA A 25 -35.33 -5.69 -5.91
C ALA A 25 -36.76 -5.33 -6.30
N SER A 26 -36.99 -4.05 -6.59
CA SER A 26 -38.33 -3.50 -6.83
C SER A 26 -38.93 -3.91 -8.18
N GLN A 27 -38.13 -4.58 -9.00
CA GLN A 27 -38.60 -5.25 -10.22
C GLN A 27 -37.58 -6.34 -10.53
N THR A 28 -38.01 -7.37 -11.27
CA THR A 28 -37.13 -8.51 -11.51
C THR A 28 -35.83 -8.10 -12.19
N ILE A 29 -34.70 -8.66 -11.73
CA ILE A 29 -33.41 -8.38 -12.34
C ILE A 29 -32.70 -9.66 -12.73
N SER A 30 -33.46 -10.73 -12.89
CA SER A 30 -32.90 -12.01 -13.30
C SER A 30 -31.83 -12.39 -12.30
N SER A 31 -30.61 -12.62 -12.79
CA SER A 31 -29.50 -12.97 -11.91
C SER A 31 -28.45 -11.86 -11.81
N TRP A 32 -28.82 -10.65 -12.22
CA TRP A 32 -27.83 -9.58 -12.35
C TRP A 32 -27.57 -8.79 -11.07
N LEU A 33 -26.95 -9.46 -10.11
CA LEU A 33 -26.74 -8.92 -8.78
C LEU A 33 -25.33 -9.23 -8.28
N ALA A 34 -24.69 -8.24 -7.66
CA ALA A 34 -23.37 -8.43 -7.10
C ALA A 34 -23.36 -8.08 -5.61
N TRP A 35 -22.47 -8.70 -4.86
CA TRP A 35 -22.34 -8.40 -3.44
C TRP A 35 -21.00 -7.73 -3.19
N TYR A 36 -21.03 -6.69 -2.37
CA TYR A 36 -19.81 -6.00 -1.99
C TYR A 36 -19.59 -5.95 -0.47
N GLN A 37 -18.37 -6.25 -0.04
CA GLN A 37 -17.97 -6.07 1.35
C GLN A 37 -17.19 -4.77 1.53
N GLN A 38 -17.53 -3.98 2.55
CA GLN A 38 -16.72 -2.80 2.88
C GLN A 38 -16.42 -2.57 4.37
N LYS A 39 -15.14 -2.36 4.64
CA LYS A 39 -14.68 -2.01 5.97
C LYS A 39 -14.48 -0.49 6.07
N SER A 40 -13.65 -0.06 7.02
CA SER A 40 -13.57 1.35 7.30
C SER A 40 -12.75 2.13 6.28
N GLY A 41 -11.47 2.29 6.56
CA GLY A 41 -10.64 3.11 5.69
C GLY A 41 -10.39 2.53 4.32
N THR A 42 -11.30 1.69 3.83
CA THR A 42 -11.07 0.97 2.59
C THR A 42 -12.25 0.99 1.63
N ALA A 43 -11.93 0.88 0.35
CA ALA A 43 -12.90 0.80 -0.73
C ALA A 43 -13.70 -0.51 -0.67
N PRO A 44 -14.89 -0.52 -1.30
CA PRO A 44 -15.66 -1.77 -1.35
C PRO A 44 -14.90 -2.92 -2.03
N LYS A 45 -15.22 -4.14 -1.63
CA LYS A 45 -14.63 -5.33 -2.25
C LYS A 45 -15.72 -6.12 -2.97
N LEU A 46 -15.45 -6.53 -4.21
CA LEU A 46 -16.41 -7.39 -4.92
C LEU A 46 -16.26 -8.80 -4.41
N LEU A 47 -17.40 -9.44 -4.16
CA LEU A 47 -17.46 -10.77 -3.58
C LEU A 47 -18.16 -11.77 -4.51
N ILE A 48 -19.24 -11.29 -5.11
CA ILE A 48 -20.16 -12.11 -5.88
C ILE A 48 -20.67 -11.35 -7.11
N TYR A 49 -20.85 -12.07 -8.22
CA TYR A 49 -21.52 -11.51 -9.37
C TYR A 49 -22.39 -12.60 -9.98
N LYS A 50 -23.37 -12.18 -10.78
CA LYS A 50 -24.31 -13.10 -11.38
C LYS A 50 -25.07 -13.87 -10.28
N ALA A 51 -25.26 -13.22 -9.14
CA ALA A 51 -25.97 -13.73 -7.94
C ALA A 51 -25.23 -14.81 -7.12
N SER A 52 -24.51 -15.72 -7.77
CA SER A 52 -23.90 -16.84 -7.05
C SER A 52 -22.43 -17.05 -7.38
N SER A 53 -21.92 -16.37 -8.40
CA SER A 53 -20.55 -16.63 -8.82
C SER A 53 -19.56 -15.96 -7.86
N ILE A 54 -18.69 -16.77 -7.26
CA ILE A 54 -17.72 -16.28 -6.29
C ILE A 54 -16.48 -15.76 -7.01
N VAL A 55 -15.88 -14.71 -6.46
CA VAL A 55 -14.69 -14.11 -7.04
C VAL A 55 -13.43 -14.91 -6.74
N SER A 56 -12.49 -14.88 -7.67
CA SER A 56 -11.16 -15.43 -7.44
C SER A 56 -10.52 -14.72 -6.24
N GLY A 57 -10.48 -15.41 -5.11
CA GLY A 57 -9.84 -14.84 -3.93
C GLY A 57 -10.77 -14.69 -2.75
N VAL A 58 -12.07 -14.79 -3.01
CA VAL A 58 -13.08 -14.78 -1.97
C VAL A 58 -13.18 -16.19 -1.38
N PRO A 59 -13.08 -16.30 -0.05
CA PRO A 59 -13.17 -17.55 0.71
C PRO A 59 -14.40 -18.40 0.41
N SER A 60 -14.24 -19.70 0.61
CA SER A 60 -15.29 -20.68 0.32
C SER A 60 -16.54 -20.52 1.19
N ARG A 61 -16.38 -19.86 2.34
CA ARG A 61 -17.47 -19.67 3.31
C ARG A 61 -18.56 -18.73 2.78
N PHE A 62 -18.19 -17.90 1.80
CA PHE A 62 -19.12 -16.99 1.17
C PHE A 62 -19.88 -17.69 0.06
N SER A 63 -21.20 -17.51 0.04
CA SER A 63 -22.06 -18.14 -0.93
C SER A 63 -23.21 -17.20 -1.25
N GLY A 64 -23.60 -17.14 -2.51
CA GLY A 64 -24.74 -16.32 -2.90
C GLY A 64 -25.85 -17.17 -3.47
N SER A 65 -27.08 -16.65 -3.43
CA SER A 65 -28.19 -17.31 -4.11
C SER A 65 -29.28 -16.32 -4.47
N GLY A 66 -30.23 -16.77 -5.29
CA GLY A 66 -31.36 -15.95 -5.63
C GLY A 66 -31.49 -15.67 -7.12
N SER A 67 -32.71 -15.35 -7.52
CA SER A 67 -32.99 -14.94 -8.88
C SER A 67 -34.36 -14.27 -8.96
N GLY A 68 -34.44 -13.18 -9.70
CA GLY A 68 -35.70 -12.47 -9.84
C GLY A 68 -35.81 -11.19 -9.02
N THR A 69 -36.22 -11.32 -7.75
CA THR A 69 -36.29 -10.16 -6.86
C THR A 69 -35.85 -10.50 -5.44
N GLU A 70 -35.73 -11.80 -5.13
CA GLU A 70 -35.22 -12.22 -3.83
C GLU A 70 -33.86 -12.86 -3.98
N PHE A 71 -32.86 -12.32 -3.28
CA PHE A 71 -31.48 -12.82 -3.30
C PHE A 71 -30.92 -12.98 -1.87
N THR A 72 -29.92 -13.85 -1.74
CA THR A 72 -29.32 -14.05 -0.43
C THR A 72 -27.79 -14.21 -0.44
N LEU A 73 -27.15 -13.44 0.44
CA LEU A 73 -25.74 -13.60 0.74
C LEU A 73 -25.56 -14.39 2.04
N THR A 74 -24.65 -15.35 2.05
CA THR A 74 -24.46 -16.22 3.21
C THR A 74 -23.00 -16.53 3.58
N ILE A 75 -22.53 -15.96 4.70
CA ILE A 75 -21.35 -16.49 5.37
C ILE A 75 -21.79 -17.71 6.15
N THR A 76 -21.05 -18.80 6.01
CA THR A 76 -21.44 -20.04 6.66
C THR A 76 -20.81 -20.11 8.04
N SER A 77 -19.49 -20.09 8.07
CA SER A 77 -18.76 -19.97 9.32
C SER A 77 -18.22 -18.56 9.41
N LEU A 78 -18.68 -17.78 10.38
CA LEU A 78 -18.15 -16.44 10.53
C LEU A 78 -16.68 -16.46 10.93
N GLN A 79 -16.11 -15.28 11.08
CA GLN A 79 -14.65 -15.15 11.08
C GLN A 79 -14.23 -13.74 11.49
N PRO A 80 -13.17 -13.62 12.32
CA PRO A 80 -12.59 -12.35 12.78
C PRO A 80 -12.71 -11.19 11.79
N ASP A 81 -12.19 -11.38 10.57
CA ASP A 81 -12.19 -10.32 9.56
C ASP A 81 -13.44 -10.23 8.66
N ASP A 82 -14.55 -10.88 9.00
CA ASP A 82 -15.73 -10.76 8.14
C ASP A 82 -16.69 -9.71 8.69
N PHE A 83 -16.28 -9.00 9.72
CA PHE A 83 -17.15 -8.00 10.34
C PHE A 83 -17.05 -6.71 9.55
N ALA A 84 -18.13 -6.38 8.86
CA ALA A 84 -18.12 -5.28 7.91
C ALA A 84 -19.52 -4.96 7.44
N THR A 85 -19.64 -4.01 6.51
CA THR A 85 -20.92 -3.75 5.84
C THR A 85 -21.01 -4.44 4.47
N TYR A 86 -22.12 -5.09 4.19
CA TYR A 86 -22.29 -5.72 2.89
C TYR A 86 -23.34 -5.02 2.03
N TYR A 87 -22.92 -4.63 0.83
CA TYR A 87 -23.83 -4.02 -0.14
C TYR A 87 -24.14 -4.96 -1.29
N CYS A 88 -25.42 -5.02 -1.66
CA CYS A 88 -25.80 -5.64 -2.92
C CYS A 88 -25.97 -4.56 -3.99
N GLN A 89 -25.61 -4.91 -5.21
CA GLN A 89 -25.77 -4.03 -6.36
C GLN A 89 -26.46 -4.76 -7.48
N GLN A 90 -27.46 -4.09 -8.04
CA GLN A 90 -28.16 -4.55 -9.25
C GLN A 90 -27.50 -3.94 -10.49
N TYR A 91 -27.20 -4.76 -11.50
CA TYR A 91 -26.65 -4.23 -12.74
C TYR A 91 -27.47 -4.66 -13.94
N ASN A 92 -28.76 -4.88 -13.68
CA ASN A 92 -29.72 -5.04 -14.75
C ASN A 92 -29.80 -3.73 -15.56
N SER A 93 -30.87 -2.95 -15.38
CA SER A 93 -30.99 -1.67 -16.05
C SER A 93 -29.98 -0.68 -15.50
N SER A 94 -29.78 0.46 -16.18
CA SER A 94 -29.10 1.61 -15.58
C SER A 94 -30.17 2.54 -14.99
N PRO A 95 -29.84 3.26 -13.91
CA PRO A 95 -28.56 3.33 -13.20
C PRO A 95 -28.31 2.10 -12.34
N GLU A 96 -27.05 1.86 -11.99
CA GLU A 96 -26.76 0.82 -11.02
C GLU A 96 -27.26 1.36 -9.72
N THR A 97 -28.04 0.57 -9.01
CA THR A 97 -28.42 0.96 -7.68
C THR A 97 -27.85 -0.05 -6.69
N PHE A 98 -27.47 0.47 -5.53
CA PHE A 98 -26.98 -0.34 -4.42
C PHE A 98 -28.09 -0.56 -3.38
N GLY A 99 -27.87 -1.50 -2.46
CA GLY A 99 -28.68 -1.58 -1.25
C GLY A 99 -28.24 -0.53 -0.23
N GLN A 100 -28.91 -0.49 0.91
CA GLN A 100 -28.59 0.51 1.92
C GLN A 100 -27.46 0.02 2.84
N GLY A 101 -27.03 -1.23 2.61
CA GLY A 101 -25.91 -1.79 3.35
C GLY A 101 -26.37 -2.45 4.62
N THR A 102 -25.71 -3.54 4.95
CA THR A 102 -26.00 -4.27 6.17
C THR A 102 -24.73 -4.34 6.95
N LYS A 103 -24.70 -3.66 8.10
CA LYS A 103 -23.53 -3.64 8.99
C LYS A 103 -23.59 -4.86 9.90
N VAL A 104 -22.52 -5.64 9.91
CA VAL A 104 -22.51 -6.83 10.76
C VAL A 104 -21.53 -6.63 11.90
N GLU A 105 -22.08 -6.53 13.10
CA GLU A 105 -21.31 -6.19 14.26
C GLU A 105 -21.04 -7.46 15.04
N ILE A 106 -20.09 -7.41 15.97
CA ILE A 106 -19.80 -8.57 16.82
C ILE A 106 -20.80 -8.68 17.97
N LYS A 107 -20.97 -9.89 18.47
CA LYS A 107 -21.89 -10.16 19.56
C LYS A 107 -21.10 -10.59 20.78
N ARG A 108 -21.15 -9.72 21.80
CA ARG A 108 -20.54 -9.99 23.09
C ARG A 108 -21.67 -9.99 24.14
N THR A 109 -21.31 -10.10 25.41
CA THR A 109 -22.23 -10.06 26.54
C THR A 109 -22.78 -8.65 26.78
N VAL A 110 -23.88 -8.54 27.54
CA VAL A 110 -24.33 -7.23 28.02
C VAL A 110 -23.30 -6.68 29.01
N ALA A 111 -22.97 -5.40 28.85
CA ALA A 111 -21.97 -4.74 29.68
C ALA A 111 -22.43 -3.35 30.04
N ALA A 112 -22.56 -3.10 31.33
CA ALA A 112 -22.98 -1.80 31.78
C ALA A 112 -21.83 -0.84 31.64
N PRO A 113 -22.13 0.39 31.23
CA PRO A 113 -21.09 1.40 31.05
C PRO A 113 -20.55 1.92 32.39
N SER A 114 -19.35 2.49 32.36
CA SER A 114 -18.84 3.23 33.49
C SER A 114 -18.88 4.70 33.13
N VAL A 115 -19.60 5.47 33.93
CA VAL A 115 -19.88 6.88 33.64
C VAL A 115 -18.89 7.85 34.31
N PHE A 116 -18.52 8.92 33.63
CA PHE A 116 -17.65 9.95 34.18
C PHE A 116 -18.17 11.31 33.76
N ILE A 117 -17.99 12.33 34.59
CA ILE A 117 -18.35 13.69 34.15
C ILE A 117 -17.16 14.63 34.33
N PHE A 118 -17.08 15.62 33.44
CA PHE A 118 -15.93 16.52 33.37
C PHE A 118 -16.37 17.97 33.32
N PRO A 119 -16.00 18.77 34.34
CA PRO A 119 -16.32 20.19 34.39
C PRO A 119 -15.50 20.97 33.38
N PRO A 120 -15.95 22.17 33.00
CA PRO A 120 -15.22 23.03 32.08
C PRO A 120 -13.82 23.35 32.58
N SER A 121 -12.91 23.46 31.64
CA SER A 121 -11.55 23.89 31.94
C SER A 121 -11.50 25.31 32.46
N ASP A 122 -10.45 25.63 33.17
CA ASP A 122 -10.21 26.99 33.58
C ASP A 122 -10.06 27.86 32.33
N GLU A 123 -9.30 27.38 31.34
CA GLU A 123 -8.99 28.24 30.19
C GLU A 123 -10.08 28.28 29.11
N GLN A 124 -10.93 27.27 29.02
CA GLN A 124 -12.08 27.41 28.13
C GLN A 124 -13.00 28.50 28.67
N LEU A 125 -13.02 28.63 30.00
CA LEU A 125 -13.90 29.57 30.69
C LEU A 125 -13.50 31.01 30.44
N LYS A 126 -12.21 31.25 30.21
CA LYS A 126 -11.73 32.57 29.80
C LYS A 126 -12.34 33.00 28.44
N SER A 127 -12.90 32.05 27.68
CA SER A 127 -13.34 32.25 26.27
C SER A 127 -14.82 32.55 26.08
N GLY A 128 -15.62 32.42 27.14
CA GLY A 128 -17.01 32.85 27.11
C GLY A 128 -17.94 31.67 26.94
N THR A 129 -17.35 30.56 26.53
CA THR A 129 -18.08 29.33 26.29
C THR A 129 -17.65 28.30 27.36
N ALA A 130 -18.59 27.46 27.79
CA ALA A 130 -18.31 26.43 28.79
C ALA A 130 -18.81 25.06 28.34
N SER A 131 -17.91 24.08 28.18
CA SER A 131 -18.29 22.71 27.79
C SER A 131 -18.25 21.68 28.93
N VAL A 132 -19.29 20.88 29.06
CA VAL A 132 -19.30 19.80 30.04
C VAL A 132 -19.36 18.42 29.38
N VAL A 133 -18.33 17.60 29.55
CA VAL A 133 -18.28 16.28 28.90
C VAL A 133 -18.66 15.08 29.81
N CYS A 134 -19.72 14.38 29.44
CA CYS A 134 -20.04 13.13 30.08
C CYS A 134 -19.49 11.98 29.26
N LEU A 135 -18.76 11.08 29.90
CA LEU A 135 -18.18 9.93 29.22
C LEU A 135 -18.79 8.60 29.67
N LEU A 136 -19.23 7.80 28.72
CA LEU A 136 -19.71 6.45 28.99
C LEU A 136 -18.72 5.45 28.43
N ASN A 137 -18.03 4.74 29.32
CA ASN A 137 -16.89 3.91 28.92
C ASN A 137 -17.21 2.44 28.87
N ASN A 138 -16.90 1.82 27.75
CA ASN A 138 -16.93 0.37 27.62
C ASN A 138 -18.24 -0.34 27.98
N PHE A 139 -19.15 -0.41 27.02
CA PHE A 139 -20.43 -1.05 27.23
C PHE A 139 -20.97 -1.71 25.94
N TYR A 140 -22.03 -2.50 26.12
CA TYR A 140 -22.68 -3.24 25.05
C TYR A 140 -24.04 -3.62 25.57
N PRO A 141 -25.11 -3.50 24.76
CA PRO A 141 -25.18 -3.05 23.36
C PRO A 141 -24.85 -1.57 23.18
N ARG A 142 -24.79 -1.15 21.92
CA ARG A 142 -24.44 0.23 21.55
C ARG A 142 -25.46 1.28 22.00
N GLU A 143 -26.69 0.84 22.30
CA GLU A 143 -27.76 1.74 22.76
C GLU A 143 -27.56 2.28 24.19
N ALA A 144 -27.60 3.59 24.30
CA ALA A 144 -27.52 4.31 25.57
C ALA A 144 -28.20 5.67 25.45
N LYS A 145 -29.05 6.03 26.40
CA LYS A 145 -29.59 7.39 26.43
C LYS A 145 -28.83 8.23 27.47
N VAL A 146 -28.31 9.36 27.02
CA VAL A 146 -27.61 10.30 27.89
C VAL A 146 -28.46 11.56 28.08
N GLN A 147 -28.71 11.92 29.34
CA GLN A 147 -29.56 13.05 29.67
C GLN A 147 -28.83 14.03 30.57
N TRP A 148 -28.75 15.28 30.14
CA TRP A 148 -28.19 16.34 30.98
C TRP A 148 -29.28 17.05 31.79
N LYS A 149 -28.97 17.41 33.03
CA LYS A 149 -29.92 18.14 33.85
C LYS A 149 -29.21 19.26 34.61
N VAL A 150 -29.85 20.44 34.68
CA VAL A 150 -29.30 21.65 35.31
C VAL A 150 -30.34 22.65 35.85
N ASP A 151 -30.63 22.74 37.15
CA ASP A 151 -30.34 21.77 38.19
C ASP A 151 -31.58 20.88 38.25
N ASN A 152 -31.40 19.58 38.15
CA ASN A 152 -32.52 18.65 37.92
C ASN A 152 -33.49 19.15 36.82
N ALA A 153 -33.01 20.02 35.93
CA ALA A 153 -33.83 20.60 34.87
C ALA A 153 -33.32 20.24 33.46
N LEU A 154 -34.05 19.35 32.79
CA LEU A 154 -33.57 18.69 31.58
C LEU A 154 -33.19 19.65 30.47
N GLN A 155 -31.97 19.54 29.96
CA GLN A 155 -31.56 20.29 28.78
C GLN A 155 -32.04 19.55 27.54
N SER A 156 -31.88 20.20 26.38
CA SER A 156 -32.16 19.60 25.07
C SER A 156 -31.75 20.59 23.97
N GLY A 157 -30.93 20.12 23.04
CA GLY A 157 -30.42 20.98 21.99
C GLY A 157 -29.09 21.67 22.25
N ASN A 158 -28.45 21.37 23.36
CA ASN A 158 -27.10 21.89 23.59
C ASN A 158 -26.07 20.77 23.67
N SER A 159 -26.53 19.55 23.42
CA SER A 159 -25.75 18.35 23.73
C SER A 159 -25.51 17.41 22.54
N GLN A 160 -24.44 17.67 21.78
CA GLN A 160 -23.91 16.72 20.80
C GLN A 160 -23.25 15.50 21.46
N GLU A 161 -23.32 14.35 20.79
CA GLU A 161 -22.61 13.16 21.27
C GLU A 161 -21.94 12.41 20.12
N SER A 162 -21.20 11.36 20.45
CA SER A 162 -20.42 10.62 19.48
C SER A 162 -20.13 9.24 20.06
N VAL A 163 -20.08 8.21 19.24
CA VAL A 163 -19.81 6.86 19.72
C VAL A 163 -18.56 6.29 19.07
N THR A 164 -17.79 5.53 19.83
CA THR A 164 -16.60 4.92 19.32
C THR A 164 -17.01 3.72 18.49
N GLU A 165 -16.13 3.26 17.61
CA GLU A 165 -16.38 2.02 16.87
C GLU A 165 -16.19 0.80 17.78
N GLN A 166 -16.79 -0.33 17.42
CA GLN A 166 -16.81 -1.48 18.32
C GLN A 166 -15.40 -1.95 18.64
N ASP A 167 -14.90 -1.57 19.81
CA ASP A 167 -13.52 -1.83 20.24
C ASP A 167 -12.96 -3.20 19.85
N SER A 168 -11.70 -3.22 19.40
CA SER A 168 -11.10 -4.44 18.84
C SER A 168 -10.88 -5.57 19.86
N LYS A 169 -10.53 -5.24 21.10
CA LYS A 169 -10.15 -6.23 22.12
C LYS A 169 -11.34 -6.80 22.90
N ASP A 170 -12.25 -5.94 23.36
CA ASP A 170 -13.36 -6.41 24.19
C ASP A 170 -14.72 -6.16 23.55
N SER A 171 -14.70 -5.70 22.30
CA SER A 171 -15.89 -5.46 21.49
C SER A 171 -16.94 -4.57 22.17
N THR A 172 -16.51 -3.63 23.01
CA THR A 172 -17.49 -2.75 23.65
C THR A 172 -17.45 -1.36 23.02
N TYR A 173 -18.50 -0.58 23.26
CA TYR A 173 -18.57 0.76 22.73
C TYR A 173 -18.17 1.79 23.77
N SER A 174 -18.04 3.05 23.36
CA SER A 174 -17.79 4.14 24.29
C SER A 174 -18.48 5.36 23.73
N LEU A 175 -19.00 6.24 24.59
CA LEU A 175 -19.77 7.38 24.11
C LEU A 175 -19.25 8.65 24.76
N SER A 176 -19.32 9.77 24.04
CA SER A 176 -18.89 11.04 24.57
C SER A 176 -19.92 12.13 24.28
N SER A 177 -20.82 12.35 25.25
CA SER A 177 -21.78 13.46 25.17
C SER A 177 -21.24 14.79 25.74
N THR A 178 -21.61 15.90 25.11
CA THR A 178 -20.96 17.18 25.37
C THR A 178 -21.93 18.36 25.43
N LEU A 179 -22.36 18.71 26.64
CA LEU A 179 -23.12 19.93 26.91
C LEU A 179 -22.31 21.19 26.64
N THR A 180 -22.92 22.19 26.01
CA THR A 180 -22.19 23.43 25.70
C THR A 180 -23.03 24.70 25.93
N LEU A 181 -22.63 25.48 26.94
CA LEU A 181 -23.30 26.73 27.31
C LEU A 181 -22.32 27.88 27.23
N SER A 182 -22.81 29.08 27.57
CA SER A 182 -21.93 30.26 27.64
C SER A 182 -21.43 30.48 29.07
N LYS A 183 -20.23 31.04 29.22
CA LYS A 183 -19.67 31.36 30.55
C LYS A 183 -20.58 32.38 31.27
N ALA A 184 -21.76 32.61 30.70
CA ALA A 184 -22.77 33.46 31.27
C ALA A 184 -23.87 32.59 31.84
N ASP A 185 -24.35 31.64 31.04
CA ASP A 185 -25.49 30.84 31.43
C ASP A 185 -25.10 29.76 32.43
N TYR A 186 -23.81 29.74 32.76
CA TYR A 186 -23.21 28.56 33.37
C TYR A 186 -23.34 28.40 34.92
N GLU A 187 -22.78 29.22 35.85
CA GLU A 187 -22.60 30.67 35.96
C GLU A 187 -23.95 31.33 36.24
N LYS A 188 -25.01 30.54 36.12
CA LYS A 188 -26.36 30.95 36.47
C LYS A 188 -26.91 29.81 37.34
N HIS A 189 -26.23 28.67 37.30
CA HIS A 189 -26.68 27.48 38.02
C HIS A 189 -25.54 26.81 38.78
N LYS A 190 -25.87 25.86 39.64
CA LYS A 190 -24.87 25.24 40.50
C LYS A 190 -24.67 23.75 40.20
N LEU A 191 -25.74 23.07 39.83
CA LEU A 191 -25.78 21.62 39.85
C LEU A 191 -25.83 20.97 38.45
N TYR A 192 -24.67 20.53 37.97
CA TYR A 192 -24.55 19.89 36.67
C TYR A 192 -24.56 18.38 36.76
N ALA A 193 -25.65 17.78 36.33
CA ALA A 193 -25.80 16.34 36.37
C ALA A 193 -25.70 15.73 34.97
N CYS A 194 -25.72 14.41 34.93
CA CYS A 194 -25.50 13.66 33.70
C CYS A 194 -26.03 12.26 33.94
N GLU A 195 -27.30 12.02 33.59
CA GLU A 195 -27.93 10.74 33.90
C GLU A 195 -27.92 9.83 32.69
N VAL A 196 -27.70 8.55 32.96
CA VAL A 196 -27.39 7.58 31.93
C VAL A 196 -28.22 6.33 32.13
N THR A 197 -28.92 5.90 31.09
CA THR A 197 -29.58 4.59 31.19
C THR A 197 -29.05 3.61 30.14
N HIS A 198 -28.96 2.35 30.55
CA HIS A 198 -28.47 1.29 29.68
C HIS A 198 -29.28 0.04 29.91
N GLN A 199 -29.05 -0.96 29.07
CA GLN A 199 -29.75 -2.21 29.19
C GLN A 199 -29.18 -3.00 30.38
N GLY A 200 -27.89 -2.83 30.63
CA GLY A 200 -27.22 -3.51 31.72
C GLY A 200 -27.18 -2.67 32.98
N LEU A 201 -28.15 -1.78 33.12
CA LEU A 201 -28.29 -0.97 34.32
C LEU A 201 -29.54 -1.32 35.10
N SER A 202 -29.33 -1.62 36.38
CA SER A 202 -30.39 -1.84 37.35
C SER A 202 -31.22 -0.55 37.42
N SER A 203 -30.53 0.52 37.81
CA SER A 203 -31.12 1.85 37.94
C SER A 203 -30.23 2.93 37.31
N PRO A 204 -30.86 3.91 36.63
CA PRO A 204 -30.24 5.07 35.95
C PRO A 204 -29.13 5.72 36.76
N VAL A 205 -27.90 5.50 36.35
CA VAL A 205 -26.71 6.05 37.02
C VAL A 205 -26.49 7.52 36.73
N THR A 206 -26.25 8.31 37.78
CA THR A 206 -26.03 9.74 37.60
C THR A 206 -24.69 10.20 38.15
N LYS A 207 -24.01 11.06 37.39
CA LYS A 207 -22.82 11.75 37.87
C LYS A 207 -23.13 13.24 37.83
N SER A 208 -22.84 13.92 38.93
CA SER A 208 -23.14 15.34 39.03
C SER A 208 -22.09 16.05 39.87
N PHE A 209 -21.86 17.32 39.57
CA PHE A 209 -20.91 18.13 40.30
C PHE A 209 -21.50 19.49 40.62
N ASN A 210 -21.09 20.08 41.75
CA ASN A 210 -21.46 21.45 42.10
C ASN A 210 -20.48 22.41 41.48
N ARG A 211 -21.00 23.38 40.74
CA ARG A 211 -20.16 24.39 40.10
C ARG A 211 -19.44 25.25 41.15
N GLY A 212 -18.20 25.60 40.88
CA GLY A 212 -17.45 26.44 41.80
C GLY A 212 -16.89 25.70 43.00
N GLU A 213 -17.23 24.42 43.10
CA GLU A 213 -16.43 23.51 43.90
C GLU A 213 -15.52 22.74 42.93
N CYS A 214 -15.88 22.81 41.64
CA CYS A 214 -15.11 22.19 40.56
C CYS A 214 -14.69 23.22 39.54
N GLN B 1 -2.83 -7.63 -12.14
CA GLN B 1 -2.51 -6.67 -11.08
C GLN B 1 -2.92 -5.22 -11.46
N VAL B 2 -4.15 -5.08 -11.95
CA VAL B 2 -4.68 -3.75 -12.27
C VAL B 2 -4.91 -2.95 -10.98
N GLN B 3 -4.46 -1.70 -10.99
CA GLN B 3 -4.65 -0.80 -9.84
C GLN B 3 -5.03 0.64 -10.21
N LEU B 4 -5.93 1.20 -9.40
CA LEU B 4 -6.45 2.54 -9.65
C LEU B 4 -6.00 3.49 -8.55
N VAL B 5 -5.37 4.59 -8.93
CA VAL B 5 -4.83 5.52 -7.98
C VAL B 5 -5.50 6.89 -8.10
N GLN B 6 -6.39 7.18 -7.16
CA GLN B 6 -7.08 8.45 -7.13
C GLN B 6 -6.24 9.57 -6.51
N SER B 7 -6.71 10.79 -6.70
CA SER B 7 -6.02 12.01 -6.27
C SER B 7 -6.29 12.22 -4.78
N GLY B 8 -5.53 13.12 -4.16
CA GLY B 8 -5.68 13.43 -2.75
C GLY B 8 -7.00 14.07 -2.34
N ALA B 9 -7.24 14.14 -1.03
CA ALA B 9 -8.47 14.69 -0.49
C ALA B 9 -8.55 16.19 -0.76
N GLU B 10 -9.74 16.74 -0.53
CA GLU B 10 -10.11 17.99 -1.15
C GLU B 10 -11.14 18.69 -0.29
N VAL B 11 -10.90 19.95 0.04
CA VAL B 11 -11.91 20.72 0.77
C VAL B 11 -12.35 21.89 -0.10
N LYS B 12 -13.66 21.97 -0.35
CA LYS B 12 -14.23 22.89 -1.33
C LYS B 12 -15.36 23.72 -0.73
N LYS B 13 -15.35 25.03 -0.99
CA LYS B 13 -16.47 25.90 -0.61
C LYS B 13 -17.68 25.49 -1.41
N PRO B 14 -18.88 25.67 -0.85
CA PRO B 14 -20.10 25.31 -1.57
C PRO B 14 -20.24 26.14 -2.83
N GLY B 15 -20.77 25.55 -3.89
CA GLY B 15 -20.88 26.21 -5.19
C GLY B 15 -19.67 25.95 -6.07
N SER B 16 -18.49 25.78 -5.47
CA SER B 16 -17.25 25.47 -6.19
C SER B 16 -17.28 24.15 -6.96
N SER B 17 -16.28 23.91 -7.80
CA SER B 17 -16.21 22.62 -8.47
C SER B 17 -15.06 21.82 -7.86
N VAL B 18 -15.13 20.49 -7.98
CA VAL B 18 -14.02 19.62 -7.59
C VAL B 18 -13.80 18.60 -8.73
N LYS B 19 -12.54 18.35 -9.08
CA LYS B 19 -12.18 17.35 -10.09
C LYS B 19 -11.15 16.34 -9.59
N VAL B 20 -11.59 15.13 -9.25
CA VAL B 20 -10.63 14.15 -8.75
C VAL B 20 -10.18 13.25 -9.87
N SER B 21 -8.90 12.88 -9.85
CA SER B 21 -8.32 12.05 -10.88
C SER B 21 -8.28 10.60 -10.44
N CYS B 22 -7.95 9.72 -11.38
CA CYS B 22 -7.91 8.27 -11.19
C CYS B 22 -7.00 7.68 -12.24
N GLU B 23 -5.97 6.96 -11.86
CA GLU B 23 -4.97 6.50 -12.82
C GLU B 23 -4.87 4.98 -12.93
N ALA B 24 -5.48 4.44 -13.98
CA ALA B 24 -5.43 3.00 -14.25
C ALA B 24 -4.06 2.56 -14.73
N SER B 25 -3.68 1.33 -14.35
CA SER B 25 -2.38 0.71 -14.64
C SER B 25 -2.20 -0.55 -13.78
N GLY B 26 -2.37 -1.71 -14.39
CA GLY B 26 -2.57 -1.83 -15.80
C GLY B 26 -3.66 -2.79 -16.15
N VAL B 27 -4.70 -2.24 -16.75
CA VAL B 27 -5.73 -2.98 -17.46
C VAL B 27 -5.16 -3.64 -18.73
N THR B 28 -5.90 -4.61 -19.26
CA THR B 28 -5.46 -5.35 -20.43
C THR B 28 -6.12 -4.87 -21.70
N SER B 29 -6.66 -3.65 -21.68
CA SER B 29 -7.29 -3.08 -22.86
C SER B 29 -7.25 -1.55 -22.88
N SER B 30 -7.44 -0.99 -24.06
CA SER B 30 -7.69 0.43 -24.14
C SER B 30 -9.21 0.63 -24.03
N SER B 31 -9.96 -0.43 -24.27
CA SER B 31 -11.40 -0.29 -24.23
C SER B 31 -11.98 -0.63 -22.86
N TYR B 32 -11.23 -0.34 -21.80
CA TYR B 32 -11.74 -0.51 -20.45
C TYR B 32 -12.81 0.53 -20.16
N THR B 33 -13.57 0.30 -19.10
CA THR B 33 -14.59 1.25 -18.66
C THR B 33 -14.36 1.56 -17.17
N ILE B 34 -14.53 2.82 -16.79
CA ILE B 34 -14.37 3.22 -15.39
C ILE B 34 -15.66 3.82 -14.83
N SER B 35 -16.15 3.25 -13.74
CA SER B 35 -17.28 3.83 -13.03
C SER B 35 -16.83 4.75 -11.91
N TRP B 36 -17.74 5.63 -11.51
CA TRP B 36 -17.51 6.46 -10.32
C TRP B 36 -18.66 6.25 -9.34
N VAL B 37 -18.29 5.96 -8.08
CA VAL B 37 -19.23 5.68 -6.97
C VAL B 37 -18.84 6.47 -5.74
N ARG B 38 -19.81 7.14 -5.14
CA ARG B 38 -19.51 7.87 -3.92
C ARG B 38 -20.11 7.19 -2.71
N LEU B 39 -19.33 7.18 -1.63
CA LEU B 39 -19.81 6.74 -0.33
C LEU B 39 -20.29 7.95 0.41
N ALA B 40 -21.60 8.07 0.54
CA ALA B 40 -22.17 9.26 1.18
C ALA B 40 -22.84 8.96 2.53
N PRO B 41 -22.33 9.64 3.59
CA PRO B 41 -22.76 9.56 5.00
C PRO B 41 -24.28 9.60 5.18
N GLY B 42 -24.88 8.47 5.51
CA GLY B 42 -26.31 8.44 5.74
C GLY B 42 -27.20 7.97 4.60
N GLN B 43 -26.73 8.08 3.35
CA GLN B 43 -27.54 7.58 2.23
C GLN B 43 -26.93 6.32 1.53
N GLY B 44 -25.71 5.92 1.90
CA GLY B 44 -25.17 4.63 1.49
C GLY B 44 -24.17 4.68 0.35
N LEU B 45 -24.14 3.61 -0.45
CA LEU B 45 -23.36 3.65 -1.70
C LEU B 45 -24.25 4.14 -2.87
N GLU B 46 -23.60 4.74 -3.86
CA GLU B 46 -24.30 5.54 -4.85
C GLU B 46 -23.54 5.68 -6.16
N TRP B 47 -24.09 5.10 -7.23
CA TRP B 47 -23.48 5.18 -8.55
C TRP B 47 -23.76 6.53 -9.24
N MET B 48 -22.69 7.19 -9.67
CA MET B 48 -22.78 8.48 -10.34
C MET B 48 -22.74 8.35 -11.87
N GLY B 49 -21.65 7.79 -12.39
CA GLY B 49 -21.50 7.65 -13.82
C GLY B 49 -20.45 6.64 -14.28
N ARG B 50 -19.95 6.85 -15.50
CA ARG B 50 -19.26 5.83 -16.23
C ARG B 50 -18.69 6.44 -17.51
N ILE B 51 -17.44 6.08 -17.80
CA ILE B 51 -16.80 6.52 -19.02
C ILE B 51 -15.95 5.41 -19.64
N THR B 52 -16.10 5.24 -20.96
CA THR B 52 -15.23 4.37 -21.75
C THR B 52 -14.33 5.20 -22.64
N PRO B 53 -13.13 5.52 -22.14
CA PRO B 53 -12.25 6.52 -22.75
C PRO B 53 -11.96 6.34 -24.23
N ILE B 54 -11.88 5.10 -24.70
CA ILE B 54 -11.43 4.83 -26.07
C ILE B 54 -12.33 5.58 -27.03
N PHE B 55 -13.62 5.57 -26.75
CA PHE B 55 -14.64 6.26 -27.54
C PHE B 55 -15.20 7.47 -26.83
N ASP B 56 -14.72 7.74 -25.63
CA ASP B 56 -15.17 8.88 -24.85
C ASP B 56 -16.68 8.83 -24.66
N ILE B 57 -17.22 7.64 -24.44
CA ILE B 57 -18.66 7.47 -24.24
C ILE B 57 -19.00 7.58 -22.76
N THR B 58 -19.97 8.44 -22.43
CA THR B 58 -20.29 8.70 -21.03
C THR B 58 -21.77 8.47 -20.72
N ASN B 59 -22.04 7.90 -19.55
CA ASN B 59 -23.41 7.76 -19.07
C ASN B 59 -23.50 8.15 -17.60
N TYR B 60 -24.23 9.22 -17.33
CA TYR B 60 -24.34 9.78 -15.99
C TYR B 60 -25.63 9.31 -15.34
N ALA B 61 -25.80 9.59 -14.06
CA ALA B 61 -27.02 9.24 -13.34
C ALA B 61 -27.96 10.45 -13.38
N GLN B 62 -29.27 10.23 -13.36
CA GLN B 62 -30.20 11.34 -13.50
C GLN B 62 -30.01 12.29 -12.32
N LYS B 63 -29.92 11.73 -11.12
CA LYS B 63 -29.75 12.49 -9.89
C LYS B 63 -28.53 13.42 -9.90
N PHE B 64 -27.62 13.22 -10.84
CA PHE B 64 -26.45 14.08 -10.92
C PHE B 64 -26.41 14.88 -12.23
N GLN B 65 -26.55 14.15 -13.36
CA GLN B 65 -26.47 14.64 -14.76
C GLN B 65 -25.98 16.06 -14.92
N GLY B 66 -26.76 17.02 -14.42
CA GLY B 66 -26.42 18.42 -14.50
C GLY B 66 -25.03 18.85 -14.01
N ARG B 67 -24.41 18.05 -13.14
CA ARG B 67 -23.25 18.49 -12.39
C ARG B 67 -21.99 17.65 -12.60
N VAL B 68 -22.19 16.39 -12.96
CA VAL B 68 -21.05 15.50 -13.19
C VAL B 68 -20.49 15.64 -14.61
N THR B 69 -19.19 15.48 -14.74
CA THR B 69 -18.58 15.44 -16.05
C THR B 69 -17.39 14.49 -16.02
N LEU B 70 -17.55 13.36 -16.69
CA LEU B 70 -16.46 12.39 -16.82
C LEU B 70 -15.59 12.71 -18.03
N THR B 71 -14.27 12.69 -17.83
CA THR B 71 -13.36 12.91 -18.93
C THR B 71 -12.16 11.98 -18.85
N ALA B 72 -11.42 11.84 -19.94
CA ALA B 72 -10.25 10.98 -19.94
C ALA B 72 -9.03 11.60 -20.61
N ASP B 73 -7.86 11.01 -20.34
CA ASP B 73 -6.62 11.38 -20.98
C ASP B 73 -5.91 10.10 -21.42
N LYS B 74 -6.33 9.60 -22.59
CA LYS B 74 -5.97 8.27 -23.05
C LYS B 74 -4.46 8.02 -23.01
N SER B 75 -3.67 9.08 -23.18
CA SER B 75 -2.22 8.97 -23.23
C SER B 75 -1.63 8.54 -21.89
N THR B 76 -2.34 8.85 -20.81
CA THR B 76 -1.85 8.63 -19.46
C THR B 76 -2.78 7.81 -18.58
N GLY B 77 -3.63 6.99 -19.20
CA GLY B 77 -4.51 6.12 -18.45
C GLY B 77 -5.22 6.75 -17.26
N THR B 78 -5.52 8.04 -17.34
CA THR B 78 -6.18 8.75 -16.24
C THR B 78 -7.59 9.21 -16.64
N THR B 79 -8.59 8.96 -15.81
CA THR B 79 -9.90 9.62 -15.96
C THR B 79 -10.07 10.67 -14.85
N TYR B 80 -11.11 11.51 -14.97
CA TYR B 80 -11.37 12.61 -14.05
C TYR B 80 -12.86 12.78 -13.79
N MET B 81 -13.20 13.07 -12.54
CA MET B 81 -14.60 13.19 -12.17
C MET B 81 -14.81 14.61 -11.69
N GLU B 82 -15.61 15.37 -12.41
CA GLU B 82 -15.85 16.74 -11.98
C GLU B 82 -17.29 16.98 -11.56
N LEU B 83 -17.50 17.12 -10.25
CA LEU B 83 -18.79 17.47 -9.69
C LEU B 83 -18.80 18.98 -9.46
N SER B 84 -19.89 19.65 -9.82
CA SER B 84 -19.84 21.10 -9.96
C SER B 84 -20.68 21.89 -8.93
N SER B 85 -22.01 21.94 -9.04
CA SER B 85 -22.73 22.87 -8.16
C SER B 85 -22.76 22.34 -6.72
N LEU B 86 -21.59 22.30 -6.08
CA LEU B 86 -21.39 21.52 -4.85
C LEU B 86 -22.28 21.96 -3.70
N ARG B 87 -23.19 21.09 -3.27
CA ARG B 87 -23.97 21.38 -2.07
C ARG B 87 -23.28 20.73 -0.85
N SER B 88 -23.74 21.04 0.36
CA SER B 88 -23.05 20.53 1.54
C SER B 88 -23.15 19.02 1.67
N ASP B 89 -24.17 18.44 1.04
CA ASP B 89 -24.40 16.99 1.07
C ASP B 89 -23.70 16.24 -0.04
N ASP B 90 -22.83 16.91 -0.79
CA ASP B 90 -21.93 16.21 -1.69
C ASP B 90 -20.70 15.81 -0.91
N THR B 91 -20.67 16.20 0.36
CA THR B 91 -19.56 15.85 1.24
C THR B 91 -19.62 14.34 1.38
N ALA B 92 -18.59 13.68 0.90
CA ALA B 92 -18.61 12.23 0.82
C ALA B 92 -17.26 11.72 0.41
N VAL B 93 -17.12 10.40 0.32
CA VAL B 93 -15.91 9.80 -0.23
C VAL B 93 -16.16 9.24 -1.62
N TYR B 94 -15.29 9.62 -2.56
CA TYR B 94 -15.49 9.39 -3.98
C TYR B 94 -14.54 8.30 -4.54
N TYR B 95 -15.12 7.17 -4.93
CA TYR B 95 -14.37 6.03 -5.49
C TYR B 95 -14.50 5.91 -7.00
N CYS B 96 -13.40 5.54 -7.66
CA CYS B 96 -13.47 5.07 -9.04
C CYS B 96 -13.31 3.55 -9.09
N ALA B 97 -13.93 2.90 -10.06
CA ALA B 97 -13.84 1.45 -10.19
C ALA B 97 -13.88 0.97 -11.64
N ARG B 98 -13.14 -0.10 -11.91
CA ARG B 98 -13.23 -0.88 -13.13
C ARG B 98 -14.61 -1.50 -13.30
N ASP B 99 -15.23 -1.36 -14.48
CA ASP B 99 -16.36 -2.21 -14.88
C ASP B 99 -15.80 -3.37 -15.70
N LYS B 100 -15.82 -4.58 -15.13
CA LYS B 100 -15.25 -5.72 -15.80
C LYS B 100 -16.29 -6.35 -16.73
N SER B 101 -16.01 -6.28 -18.04
CA SER B 101 -16.91 -6.78 -19.08
C SER B 101 -16.09 -7.55 -20.09
N ASP B 102 -16.72 -8.52 -20.75
CA ASP B 102 -16.11 -9.25 -21.87
C ASP B 102 -16.31 -8.50 -23.15
N VAL B 103 -17.19 -7.51 -23.09
CA VAL B 103 -17.56 -6.70 -24.25
C VAL B 103 -17.44 -5.24 -23.84
N VAL B 104 -17.01 -4.38 -24.78
CA VAL B 104 -16.85 -2.96 -24.53
C VAL B 104 -18.17 -2.29 -24.17
N VAL B 105 -18.24 -1.63 -23.02
CA VAL B 105 -19.51 -1.00 -22.59
C VAL B 105 -19.73 0.28 -23.41
N VAL B 106 -20.80 0.35 -24.20
CA VAL B 106 -21.00 1.52 -25.05
C VAL B 106 -22.29 2.21 -24.68
N THR B 107 -23.10 1.56 -23.83
CA THR B 107 -24.21 2.24 -23.17
C THR B 107 -24.49 1.69 -21.78
N SER B 108 -25.45 0.79 -21.71
CA SER B 108 -25.73 0.13 -20.44
C SER B 108 -24.70 -0.97 -20.26
N ILE B 109 -24.61 -1.46 -19.03
CA ILE B 109 -23.93 -2.71 -18.77
C ILE B 109 -24.65 -3.81 -19.52
N ARG B 110 -23.90 -4.63 -20.26
CA ARG B 110 -24.51 -5.80 -20.86
C ARG B 110 -24.32 -6.98 -19.89
N PRO B 111 -25.39 -7.30 -19.15
CA PRO B 111 -25.33 -8.09 -17.93
C PRO B 111 -24.75 -9.48 -18.07
N ALA B 112 -24.91 -10.10 -19.21
CA ALA B 112 -24.40 -11.46 -19.36
C ALA B 112 -22.85 -11.50 -19.47
N TYR B 113 -22.22 -10.36 -19.72
CA TYR B 113 -20.77 -10.33 -19.86
C TYR B 113 -20.09 -9.50 -18.75
N TYR B 114 -20.89 -8.97 -17.83
CA TYR B 114 -20.40 -8.28 -16.65
C TYR B 114 -19.78 -9.20 -15.58
N TYR B 115 -18.77 -8.68 -14.87
CA TYR B 115 -18.12 -9.39 -13.77
C TYR B 115 -18.06 -8.55 -12.50
N GLY B 116 -18.81 -7.45 -12.48
CA GLY B 116 -18.83 -6.54 -11.35
C GLY B 116 -17.80 -5.43 -11.43
N MET B 117 -17.87 -4.50 -10.49
CA MET B 117 -16.79 -3.56 -10.27
C MET B 117 -15.78 -4.27 -9.39
N ASP B 118 -14.70 -4.74 -10.00
CA ASP B 118 -13.79 -5.65 -9.34
C ASP B 118 -12.52 -5.01 -8.75
N VAL B 119 -12.18 -3.80 -9.23
CA VAL B 119 -11.01 -3.10 -8.74
C VAL B 119 -11.37 -1.65 -8.45
N TRP B 120 -11.02 -1.18 -7.25
CA TRP B 120 -11.38 0.18 -6.83
C TRP B 120 -10.17 1.05 -6.54
N GLY B 121 -10.40 2.36 -6.52
CA GLY B 121 -9.42 3.31 -6.04
C GLY B 121 -9.45 3.37 -4.52
N GLN B 122 -8.47 4.06 -3.93
CA GLN B 122 -8.40 4.20 -2.47
C GLN B 122 -9.57 4.99 -1.93
N GLY B 123 -10.11 5.86 -2.78
CA GLY B 123 -11.13 6.79 -2.37
C GLY B 123 -10.52 8.18 -2.36
N THR B 124 -11.38 9.19 -2.44
CA THR B 124 -10.94 10.55 -2.25
C THR B 124 -11.96 11.21 -1.37
N THR B 125 -11.52 11.86 -0.30
CA THR B 125 -12.48 12.51 0.59
C THR B 125 -12.68 13.96 0.19
N VAL B 126 -13.95 14.33 0.01
CA VAL B 126 -14.28 15.67 -0.43
C VAL B 126 -15.26 16.24 0.57
N THR B 127 -14.84 17.34 1.16
CA THR B 127 -15.57 18.00 2.20
C THR B 127 -16.15 19.27 1.62
N VAL B 128 -17.45 19.49 1.78
CA VAL B 128 -18.05 20.72 1.27
C VAL B 128 -18.68 21.55 2.40
N SER B 129 -17.94 22.57 2.84
CA SER B 129 -18.41 23.51 3.85
C SER B 129 -18.05 24.97 3.52
N SER B 130 -19.00 25.86 3.80
CA SER B 130 -18.77 27.31 3.82
C SER B 130 -17.60 27.69 4.70
N ALA B 131 -17.35 26.86 5.71
CA ALA B 131 -16.30 27.02 6.71
C ALA B 131 -14.91 27.33 6.15
N SER B 132 -14.13 28.03 6.96
CA SER B 132 -12.74 28.33 6.61
C SER B 132 -11.78 27.64 7.58
N THR B 133 -10.60 27.33 7.06
CA THR B 133 -9.64 26.49 7.73
C THR B 133 -9.23 27.07 9.08
N LYS B 134 -9.03 26.22 10.09
CA LYS B 134 -8.74 26.64 11.48
C LYS B 134 -8.22 25.51 12.41
N GLY B 135 -7.20 25.82 13.22
CA GLY B 135 -6.68 24.89 14.23
C GLY B 135 -7.57 24.86 15.47
N PRO B 136 -7.38 23.86 16.34
CA PRO B 136 -8.29 23.73 17.49
C PRO B 136 -7.76 24.37 18.80
N SER B 137 -8.68 24.72 19.69
CA SER B 137 -8.31 25.05 21.06
C SER B 137 -8.39 23.79 21.91
N VAL B 138 -7.25 23.31 22.42
CA VAL B 138 -7.22 22.09 23.22
C VAL B 138 -7.39 22.33 24.73
N PHE B 139 -8.47 21.79 25.28
CA PHE B 139 -8.81 21.95 26.67
C PHE B 139 -8.66 20.63 27.42
N PRO B 140 -8.24 20.66 28.71
CA PRO B 140 -8.07 19.44 29.53
C PRO B 140 -9.40 18.88 30.08
N LEU B 141 -9.56 17.57 29.99
CA LEU B 141 -10.58 16.89 30.78
C LEU B 141 -9.88 16.33 32.04
N ALA B 142 -10.04 17.04 33.14
CA ALA B 142 -9.27 16.78 34.34
C ALA B 142 -9.80 15.59 35.16
N PRO B 143 -8.87 14.74 35.62
CA PRO B 143 -9.29 13.63 36.46
C PRO B 143 -9.60 14.17 37.86
N SER B 144 -10.59 13.59 38.54
CA SER B 144 -11.03 14.08 39.85
C SER B 144 -11.95 13.06 40.53
N SER B 145 -12.54 13.44 41.66
CA SER B 145 -13.49 12.57 42.33
C SER B 145 -14.62 12.15 41.38
N LYS B 146 -15.01 13.06 40.48
CA LYS B 146 -16.20 12.87 39.67
C LYS B 146 -15.89 12.08 38.38
N SER B 147 -14.60 11.84 38.14
CA SER B 147 -14.16 11.02 37.02
C SER B 147 -13.47 9.75 37.51
N THR B 148 -14.06 9.10 38.50
CA THR B 148 -13.41 7.97 39.14
C THR B 148 -14.36 6.76 39.17
N SER B 149 -13.78 5.56 39.13
CA SER B 149 -14.56 4.36 39.40
C SER B 149 -13.72 3.21 39.95
N GLY B 150 -13.83 2.99 41.26
CA GLY B 150 -13.22 1.87 41.95
C GLY B 150 -11.79 1.54 41.59
N GLY B 151 -10.92 2.55 41.67
CA GLY B 151 -9.51 2.30 41.49
C GLY B 151 -9.05 2.97 40.23
N THR B 152 -10.03 3.30 39.38
CA THR B 152 -9.80 3.81 38.04
C THR B 152 -10.26 5.27 37.84
N ALA B 153 -9.39 6.06 37.25
CA ALA B 153 -9.72 7.43 36.90
C ALA B 153 -9.81 7.60 35.37
N ALA B 154 -10.67 8.49 34.89
CA ALA B 154 -10.70 8.84 33.48
C ALA B 154 -10.25 10.28 33.26
N LEU B 155 -9.36 10.50 32.32
CA LEU B 155 -8.99 11.87 31.96
C LEU B 155 -8.89 12.02 30.44
N GLY B 156 -8.75 13.24 29.96
CA GLY B 156 -8.71 13.46 28.53
C GLY B 156 -8.41 14.85 28.00
N CYS B 157 -8.67 14.97 26.71
CA CYS B 157 -8.50 16.21 25.97
C CYS B 157 -9.77 16.53 25.24
N LEU B 158 -10.09 17.81 25.21
CA LEU B 158 -11.13 18.30 24.32
C LEU B 158 -10.48 19.06 23.17
N VAL B 159 -10.55 18.48 21.98
CA VAL B 159 -10.09 19.14 20.78
C VAL B 159 -11.28 19.90 20.19
N LYS B 160 -11.28 21.22 20.31
CA LYS B 160 -12.49 22.00 20.01
C LYS B 160 -12.30 22.99 18.87
N ASP B 161 -13.35 23.09 18.05
CA ASP B 161 -13.52 24.08 16.97
C ASP B 161 -12.37 24.11 15.94
N TYR B 162 -12.27 23.09 15.10
CA TYR B 162 -11.32 23.12 13.98
C TYR B 162 -12.00 22.90 12.60
N PHE B 163 -11.22 23.16 11.55
CA PHE B 163 -11.60 22.84 10.19
C PHE B 163 -10.40 22.81 9.25
N PRO B 164 -10.36 21.82 8.35
CA PRO B 164 -11.32 20.72 8.28
C PRO B 164 -10.75 19.56 9.07
N GLU B 165 -11.46 18.44 9.10
CA GLU B 165 -10.83 17.22 9.56
C GLU B 165 -9.65 16.93 8.63
N PRO B 166 -8.65 16.19 9.11
CA PRO B 166 -8.58 15.47 10.37
C PRO B 166 -7.61 16.05 11.38
N VAL B 167 -7.83 15.72 12.63
CA VAL B 167 -6.84 16.02 13.65
C VAL B 167 -6.40 14.69 14.25
N THR B 168 -5.15 14.57 14.70
CA THR B 168 -4.76 13.36 15.47
C THR B 168 -4.27 13.64 16.90
N VAL B 169 -4.53 12.66 17.76
CA VAL B 169 -4.21 12.72 19.17
C VAL B 169 -3.48 11.46 19.63
N SER B 170 -2.25 11.62 20.09
CA SER B 170 -1.63 10.53 20.81
C SER B 170 -1.51 10.95 22.28
N TRP B 171 -1.03 10.06 23.15
CA TRP B 171 -0.91 10.35 24.59
C TRP B 171 0.47 10.08 25.12
N ASN B 172 1.12 11.12 25.62
CA ASN B 172 2.50 11.04 26.11
C ASN B 172 3.40 10.61 24.97
N SER B 173 3.29 11.33 23.86
CA SER B 173 4.02 11.03 22.63
C SER B 173 3.91 9.57 22.18
N GLY B 174 2.71 8.98 22.29
CA GLY B 174 2.48 7.62 21.83
C GLY B 174 2.91 6.51 22.77
N ALA B 175 3.61 6.86 23.85
CA ALA B 175 4.04 5.88 24.86
C ALA B 175 2.85 5.20 25.53
N LEU B 176 1.73 5.90 25.62
CA LEU B 176 0.57 5.39 26.32
C LEU B 176 -0.59 5.17 25.35
N THR B 177 -0.93 3.90 25.15
CA THR B 177 -1.91 3.53 24.13
C THR B 177 -3.01 2.62 24.68
N SER B 178 -2.67 1.82 25.68
CA SER B 178 -3.64 0.91 26.29
C SER B 178 -4.68 1.68 27.06
N GLY B 179 -5.94 1.44 26.70
CA GLY B 179 -7.07 2.08 27.35
C GLY B 179 -7.51 3.41 26.78
N VAL B 180 -6.90 3.83 25.66
CA VAL B 180 -7.24 5.11 25.05
C VAL B 180 -8.44 4.93 24.15
N HIS B 181 -9.34 5.93 24.15
CA HIS B 181 -10.50 6.03 23.24
C HIS B 181 -10.56 7.44 22.63
N THR B 182 -10.42 7.58 21.31
CA THR B 182 -10.62 8.89 20.68
C THR B 182 -11.87 8.90 19.84
N PHE B 183 -12.85 9.69 20.24
CA PHE B 183 -14.15 9.62 19.60
C PHE B 183 -14.18 10.32 18.25
N PRO B 184 -15.05 9.84 17.34
CA PRO B 184 -15.27 10.50 16.06
C PRO B 184 -15.55 11.96 16.28
N ALA B 185 -14.89 12.81 15.52
CA ALA B 185 -15.14 14.22 15.55
C ALA B 185 -16.63 14.47 15.39
N VAL B 186 -17.04 15.67 15.74
CA VAL B 186 -18.42 15.98 15.56
C VAL B 186 -18.55 17.39 15.02
N LEU B 187 -19.50 17.56 14.10
CA LEU B 187 -19.67 18.76 13.30
C LEU B 187 -20.64 19.71 13.99
N GLN B 188 -20.11 20.76 14.61
CA GLN B 188 -20.96 21.68 15.39
C GLN B 188 -21.81 22.55 14.47
N SER B 189 -22.81 23.24 15.02
CA SER B 189 -23.66 24.11 14.20
C SER B 189 -22.89 25.34 13.74
N SER B 190 -21.65 25.49 14.21
CA SER B 190 -20.77 26.55 13.74
C SER B 190 -20.02 26.18 12.46
N GLY B 191 -20.19 24.94 12.02
CA GLY B 191 -19.46 24.43 10.88
C GLY B 191 -18.05 23.97 11.19
N LEU B 192 -17.72 23.96 12.49
CA LEU B 192 -16.39 23.60 13.00
C LEU B 192 -16.45 22.28 13.78
N TYR B 193 -15.41 21.46 13.60
CA TYR B 193 -15.37 20.14 14.23
C TYR B 193 -14.89 20.14 15.69
N SER B 194 -15.22 19.09 16.42
CA SER B 194 -14.86 18.98 17.85
C SER B 194 -14.82 17.53 18.33
N LEU B 195 -13.64 17.01 18.64
CA LEU B 195 -13.63 15.67 19.24
C LEU B 195 -13.11 15.67 20.67
N SER B 196 -13.28 14.51 21.30
CA SER B 196 -12.68 14.22 22.59
C SER B 196 -11.82 12.97 22.51
N SER B 197 -10.65 13.02 23.14
CA SER B 197 -9.80 11.85 23.33
C SER B 197 -9.70 11.56 24.81
N VAL B 198 -9.79 10.29 25.19
CA VAL B 198 -9.93 9.93 26.59
C VAL B 198 -9.09 8.71 27.02
N VAL B 199 -8.59 8.72 28.25
CA VAL B 199 -7.82 7.59 28.81
C VAL B 199 -8.35 7.14 30.16
N THR B 200 -8.26 5.83 30.42
CA THR B 200 -8.44 5.34 31.78
C THR B 200 -7.11 4.80 32.31
N VAL B 201 -6.75 5.34 33.47
CA VAL B 201 -5.55 4.94 34.22
C VAL B 201 -5.95 4.59 35.66
N PRO B 202 -5.04 3.94 36.39
CA PRO B 202 -5.39 3.73 37.79
C PRO B 202 -5.22 5.03 38.60
N SER B 203 -6.14 5.33 39.53
CA SER B 203 -6.17 6.60 40.23
C SER B 203 -4.83 6.96 40.90
N SER B 204 -4.27 6.00 41.63
CA SER B 204 -3.00 6.15 42.33
C SER B 204 -1.82 6.63 41.49
N SER B 205 -2.00 6.71 40.18
CA SER B 205 -0.94 7.16 39.28
C SER B 205 -1.01 8.65 38.94
N LEU B 206 -2.17 9.25 39.19
CA LEU B 206 -2.38 10.68 38.96
C LEU B 206 -1.35 11.54 39.69
N GLY B 207 -0.86 11.03 40.82
CA GLY B 207 0.14 11.72 41.62
C GLY B 207 1.57 11.50 41.14
N THR B 208 1.87 10.31 40.65
CA THR B 208 3.23 10.03 40.22
C THR B 208 3.45 10.23 38.71
N GLN B 209 2.48 9.84 37.89
CA GLN B 209 2.66 9.90 36.43
C GLN B 209 2.08 11.17 35.78
N THR B 210 2.84 11.74 34.87
CA THR B 210 2.40 12.92 34.15
C THR B 210 1.74 12.55 32.81
N TYR B 211 0.55 13.11 32.55
CA TYR B 211 -0.22 12.78 31.35
C TYR B 211 -0.38 13.98 30.38
N ILE B 212 -0.04 13.75 29.11
CA ILE B 212 -0.16 14.79 28.07
C ILE B 212 -0.83 14.28 26.81
N CYS B 213 -1.73 15.06 26.23
CA CYS B 213 -2.23 14.75 24.90
C CYS B 213 -1.43 15.50 23.86
N ASN B 214 -1.19 14.83 22.74
CA ASN B 214 -0.48 15.43 21.63
C ASN B 214 -1.45 15.62 20.49
N VAL B 215 -1.74 16.88 20.18
CA VAL B 215 -2.73 17.20 19.17
C VAL B 215 -2.08 17.74 17.91
N ASN B 216 -2.17 16.96 16.83
CA ASN B 216 -1.68 17.46 15.55
C ASN B 216 -2.83 17.69 14.59
N HIS B 217 -3.08 18.95 14.28
CA HIS B 217 -3.96 19.33 13.18
C HIS B 217 -3.07 19.75 12.01
N LYS B 218 -2.78 18.79 11.11
CA LYS B 218 -1.86 19.02 10.00
C LYS B 218 -2.37 20.08 9.01
N PRO B 219 -3.71 20.19 8.78
CA PRO B 219 -4.10 21.25 7.86
C PRO B 219 -3.61 22.60 8.30
N SER B 220 -3.99 23.04 9.49
CA SER B 220 -3.81 24.44 9.81
C SER B 220 -3.63 24.81 11.29
N ASN B 221 -2.38 24.92 11.74
CA ASN B 221 -1.29 24.08 11.33
C ASN B 221 -0.66 23.77 12.67
N THR B 222 -1.54 23.57 13.64
CA THR B 222 -1.15 23.55 15.02
C THR B 222 -0.60 22.19 15.39
N LYS B 223 0.44 22.25 16.19
CA LYS B 223 0.89 21.12 16.99
C LYS B 223 0.88 21.64 18.43
N VAL B 224 0.10 21.00 19.29
CA VAL B 224 -0.07 21.44 20.68
C VAL B 224 -0.10 20.27 21.66
N ASP B 225 0.68 20.37 22.74
CA ASP B 225 0.63 19.36 23.80
C ASP B 225 0.17 19.95 25.12
N LYS B 226 -1.00 19.52 25.58
CA LYS B 226 -1.56 19.97 26.86
C LYS B 226 -1.32 18.94 27.98
N LYS B 227 -0.86 19.44 29.12
CA LYS B 227 -0.63 18.63 30.30
C LYS B 227 -1.92 18.56 31.13
N VAL B 228 -2.45 17.35 31.27
CA VAL B 228 -3.72 17.14 31.96
C VAL B 228 -3.46 16.77 33.41
N GLU B 229 -3.86 17.64 34.31
CA GLU B 229 -3.52 17.50 35.73
C GLU B 229 -4.77 17.42 36.62
N PRO B 230 -4.64 16.78 37.80
CA PRO B 230 -5.85 16.50 38.58
C PRO B 230 -6.45 17.77 39.16
N LYS B 231 -7.77 17.77 39.28
CA LYS B 231 -8.52 18.95 39.69
C LYS B 231 -9.21 18.59 40.97
N SER B 232 -9.61 19.58 41.76
CA SER B 232 -10.28 19.26 43.01
C SER B 232 -11.79 19.43 42.86
N CYS B 233 -12.55 18.50 43.43
CA CYS B 233 -14.00 18.58 43.37
C CYS B 233 -14.65 18.30 44.71
N ASP B 234 -15.93 18.59 44.84
CA ASP B 234 -16.66 18.32 46.08
C ASP B 234 -16.62 16.84 46.43
N LYS B 235 -16.19 16.54 47.66
CA LYS B 235 -16.17 15.16 48.15
C LYS B 235 -17.58 14.60 48.20
N THR B 236 -18.56 15.51 48.36
CA THR B 236 -19.98 15.17 48.30
C THR B 236 -20.71 16.19 47.44
N ASP C 1 9.11 -5.95 18.46
CA ASP C 1 9.70 -5.95 17.12
C ASP C 1 8.96 -4.99 16.16
N ILE C 2 9.51 -3.80 15.97
CA ILE C 2 8.83 -2.70 15.29
C ILE C 2 8.65 -2.88 13.78
N GLN C 3 7.46 -2.58 13.27
CA GLN C 3 7.13 -2.84 11.85
C GLN C 3 7.02 -1.57 11.00
N MET C 4 7.79 -1.49 9.92
CA MET C 4 7.75 -0.31 9.07
C MET C 4 6.99 -0.57 7.78
N THR C 5 5.95 0.22 7.56
CA THR C 5 5.11 0.06 6.39
C THR C 5 5.10 1.35 5.56
N GLN C 6 5.61 1.26 4.34
CA GLN C 6 5.71 2.41 3.43
C GLN C 6 4.56 2.53 2.42
N SER C 7 4.30 3.75 1.95
CA SER C 7 3.20 3.99 1.02
C SER C 7 3.49 5.13 0.07
N PRO C 8 3.29 4.90 -1.24
CA PRO C 8 2.92 3.61 -1.83
C PRO C 8 4.15 2.71 -2.06
N SER C 9 3.96 1.47 -2.50
CA SER C 9 5.10 0.59 -2.77
C SER C 9 5.78 0.99 -4.07
N THR C 10 4.96 1.60 -4.92
CA THR C 10 5.39 2.00 -6.25
C THR C 10 4.67 3.29 -6.60
N LEU C 11 5.37 4.15 -7.33
CA LEU C 11 4.73 5.32 -7.91
C LEU C 11 5.54 5.79 -9.09
N SER C 12 4.84 6.06 -10.18
CA SER C 12 5.43 6.53 -11.39
C SER C 12 5.18 8.02 -11.45
N ALA C 13 6.24 8.82 -11.58
CA ALA C 13 6.08 10.27 -11.69
C ALA C 13 7.12 10.88 -12.63
N SER C 14 6.98 12.19 -12.86
CA SER C 14 7.74 12.91 -13.90
C SER C 14 8.75 13.87 -13.32
N VAL C 15 9.82 14.13 -14.05
CA VAL C 15 10.79 15.16 -13.68
C VAL C 15 10.05 16.50 -13.55
N GLY C 16 10.19 17.13 -12.39
CA GLY C 16 9.45 18.33 -12.05
C GLY C 16 8.50 18.13 -10.86
N ASP C 17 7.78 17.01 -10.87
CA ASP C 17 6.73 16.71 -9.90
C ASP C 17 7.17 16.71 -8.44
N ARG C 18 6.19 16.84 -7.56
CA ARG C 18 6.40 16.81 -6.12
C ARG C 18 5.99 15.44 -5.55
N VAL C 19 7.00 14.63 -5.26
CA VAL C 19 6.79 13.28 -4.75
C VAL C 19 6.81 13.25 -3.24
N THR C 20 5.93 12.45 -2.66
CA THR C 20 5.99 12.20 -1.23
C THR C 20 5.69 10.73 -0.89
N ILE C 21 6.39 10.23 0.11
CA ILE C 21 6.31 8.85 0.54
C ILE C 21 6.03 8.81 2.05
N THR C 22 5.32 7.78 2.48
CA THR C 22 4.80 7.73 3.85
C THR C 22 5.40 6.58 4.63
N CYS C 23 5.84 6.84 5.86
CA CYS C 23 6.25 5.72 6.70
C CYS C 23 5.39 5.62 7.96
N ARG C 24 4.81 4.44 8.16
CA ARG C 24 4.02 4.17 9.35
C ARG C 24 4.76 3.14 10.18
N ALA C 25 4.94 3.44 11.47
CA ALA C 25 5.57 2.50 12.40
C ALA C 25 4.52 1.89 13.33
N SER C 26 4.65 0.59 13.59
CA SER C 26 3.69 -0.15 14.40
C SER C 26 3.57 0.36 15.85
N GLN C 27 4.69 0.68 16.48
CA GLN C 27 4.66 1.37 17.77
C GLN C 27 5.42 2.69 17.61
N THR C 28 5.33 3.60 18.58
CA THR C 28 5.98 4.89 18.41
C THR C 28 7.51 4.82 18.43
N ILE C 29 8.12 5.66 17.61
CA ILE C 29 9.58 5.67 17.43
C ILE C 29 10.06 7.11 17.48
N SER C 30 9.21 7.96 18.02
CA SER C 30 9.58 9.34 18.28
C SER C 30 10.01 10.06 17.01
N SER C 31 11.31 10.33 16.94
CA SER C 31 11.89 11.02 15.80
C SER C 31 13.03 10.20 15.23
N TRP C 32 13.16 8.97 15.70
CA TRP C 32 14.30 8.17 15.32
C TRP C 32 14.03 7.40 14.01
N LEU C 33 13.88 8.17 12.92
CA LEU C 33 13.74 7.60 11.58
C LEU C 33 14.87 8.07 10.67
N ALA C 34 15.17 7.27 9.64
CA ALA C 34 16.10 7.69 8.60
C ALA C 34 15.58 7.29 7.22
N TRP C 35 15.89 8.10 6.22
CA TRP C 35 15.54 7.79 4.87
C TRP C 35 16.79 7.43 4.05
N TYR C 36 16.75 6.25 3.43
CA TYR C 36 17.80 5.78 2.54
C TYR C 36 17.30 5.64 1.10
N GLN C 37 18.05 6.18 0.16
CA GLN C 37 17.79 5.93 -1.26
C GLN C 37 18.77 4.89 -1.79
N GLN C 38 18.27 4.00 -2.64
CA GLN C 38 19.16 3.07 -3.33
C GLN C 38 18.80 2.87 -4.78
N LYS C 39 19.82 2.80 -5.62
CA LYS C 39 19.64 2.42 -7.00
C LYS C 39 19.95 0.91 -7.18
N SER C 40 20.85 0.60 -8.10
CA SER C 40 20.94 -0.76 -8.62
C SER C 40 22.19 -1.51 -8.16
N GLY C 41 23.29 -1.31 -8.87
CA GLY C 41 24.52 -2.00 -8.54
C GLY C 41 25.26 -1.21 -7.48
N THR C 42 24.53 -0.32 -6.83
CA THR C 42 25.10 0.47 -5.76
C THR C 42 24.40 0.18 -4.44
N ALA C 43 25.11 0.53 -3.37
CA ALA C 43 24.63 0.40 -2.00
C ALA C 43 23.64 1.52 -1.71
N PRO C 44 22.87 1.39 -0.60
CA PRO C 44 21.97 2.46 -0.17
C PRO C 44 22.72 3.74 0.12
N LYS C 45 21.98 4.83 0.22
CA LYS C 45 22.57 6.12 0.56
C LYS C 45 21.67 6.80 1.57
N LEU C 46 22.27 7.28 2.65
CA LEU C 46 21.55 7.99 3.70
C LEU C 46 21.26 9.40 3.23
N LEU C 47 20.01 9.81 3.40
CA LEU C 47 19.53 11.14 3.05
C LEU C 47 19.14 11.96 4.29
N ILE C 48 18.41 11.31 5.17
CA ILE C 48 17.75 11.96 6.27
C ILE C 48 17.92 11.15 7.56
N TYR C 49 18.21 11.82 8.66
CA TYR C 49 18.20 11.14 9.96
C TYR C 49 17.46 12.01 10.95
N LYS C 50 16.93 11.37 11.99
CA LYS C 50 16.26 12.06 13.09
C LYS C 50 14.96 12.66 12.55
N ALA C 51 14.46 12.01 11.50
CA ALA C 51 13.20 12.32 10.79
C ALA C 51 13.25 13.53 9.83
N SER C 52 14.15 14.47 10.05
CA SER C 52 14.17 15.70 9.26
C SER C 52 15.56 16.30 9.03
N SER C 53 16.54 15.89 9.82
CA SER C 53 17.88 16.42 9.65
C SER C 53 18.41 15.89 8.32
N ILE C 54 19.04 16.76 7.54
CA ILE C 54 19.48 16.34 6.21
C ILE C 54 20.98 16.29 6.10
N VAL C 55 21.49 15.14 5.66
CA VAL C 55 22.93 14.90 5.48
C VAL C 55 23.63 15.90 4.55
N SER C 56 24.88 16.24 4.89
CA SER C 56 25.72 17.05 4.01
C SER C 56 25.79 16.40 2.65
N GLY C 57 25.34 17.12 1.63
CA GLY C 57 25.51 16.68 0.26
C GLY C 57 24.25 16.33 -0.48
N VAL C 58 23.27 15.79 0.23
CA VAL C 58 21.99 15.54 -0.42
C VAL C 58 21.37 16.91 -0.66
N PRO C 59 20.81 17.12 -1.86
CA PRO C 59 20.38 18.45 -2.26
C PRO C 59 19.24 19.00 -1.39
N SER C 60 19.09 20.31 -1.42
CA SER C 60 18.04 21.03 -0.69
C SER C 60 16.64 20.48 -0.98
N ARG C 61 16.45 19.99 -2.21
CA ARG C 61 15.22 19.33 -2.70
C ARG C 61 14.48 18.40 -1.72
N PHE C 62 15.25 17.65 -0.95
CA PHE C 62 14.74 16.58 -0.07
C PHE C 62 14.27 17.11 1.29
N SER C 63 13.38 16.38 1.96
CA SER C 63 12.67 16.98 3.08
C SER C 63 11.88 16.00 3.95
N GLY C 64 12.37 15.75 5.15
CA GLY C 64 11.68 14.85 6.05
C GLY C 64 10.71 15.57 6.95
N SER C 65 9.69 14.86 7.44
CA SER C 65 8.71 15.40 8.38
C SER C 65 7.97 14.33 9.19
N GLY C 66 7.58 14.68 10.41
CA GLY C 66 6.74 13.78 11.19
C GLY C 66 7.37 13.21 12.43
N SER C 67 6.54 12.83 13.39
CA SER C 67 6.97 12.12 14.60
C SER C 67 5.99 11.06 15.05
N GLY C 68 6.44 10.25 16.00
CA GLY C 68 5.61 9.24 16.61
C GLY C 68 5.49 7.97 15.79
N THR C 69 4.62 7.99 14.78
CA THR C 69 4.42 6.83 13.93
C THR C 69 4.15 7.20 12.47
N GLU C 70 3.96 8.51 12.21
CA GLU C 70 3.67 8.97 10.87
C GLU C 70 4.75 9.92 10.34
N PHE C 71 5.45 9.48 9.29
CA PHE C 71 6.63 10.17 8.78
C PHE C 71 6.54 10.36 7.27
N THR C 72 7.01 11.50 6.78
CA THR C 72 6.98 11.75 5.36
C THR C 72 8.29 12.22 4.73
N LEU C 73 8.68 11.50 3.67
CA LEU C 73 9.76 11.91 2.77
C LEU C 73 9.17 12.77 1.66
N THR C 74 9.82 13.88 1.33
CA THR C 74 9.35 14.80 0.31
C THR C 74 10.48 15.22 -0.65
N ILE C 75 10.39 14.78 -1.89
CA ILE C 75 11.16 15.42 -2.96
C ILE C 75 10.23 16.51 -3.50
N THR C 76 10.71 17.75 -3.51
CA THR C 76 9.85 18.88 -3.81
C THR C 76 9.75 19.09 -5.33
N SER C 77 10.82 18.74 -6.04
CA SER C 77 10.84 18.92 -7.50
C SER C 77 11.68 17.89 -8.27
N LEU C 78 11.08 16.70 -8.46
CA LEU C 78 11.75 15.52 -9.05
C LEU C 78 12.82 15.77 -10.11
N GLN C 79 13.90 15.01 -10.04
CA GLN C 79 15.06 15.21 -10.91
C GLN C 79 15.42 13.91 -11.60
N PRO C 80 16.06 13.98 -12.78
CA PRO C 80 16.51 12.83 -13.57
C PRO C 80 17.19 11.70 -12.76
N ASP C 81 18.17 12.04 -11.93
CA ASP C 81 18.83 11.02 -11.11
C ASP C 81 18.15 10.72 -9.76
N ASP C 82 16.91 11.15 -9.59
CA ASP C 82 16.17 10.85 -8.36
C ASP C 82 15.40 9.55 -8.43
N PHE C 83 15.36 8.91 -9.59
CA PHE C 83 14.53 7.70 -9.71
C PHE C 83 15.27 6.54 -9.11
N ALA C 84 14.78 6.08 -7.97
CA ALA C 84 15.42 5.00 -7.26
C ALA C 84 14.44 4.39 -6.29
N THR C 85 14.91 3.48 -5.43
CA THR C 85 14.06 2.97 -4.36
C THR C 85 14.40 3.65 -3.03
N TYR C 86 13.37 4.16 -2.36
CA TYR C 86 13.54 4.87 -1.10
C TYR C 86 13.09 4.02 0.10
N TYR C 87 13.99 3.81 1.05
CA TYR C 87 13.67 3.07 2.28
C TYR C 87 13.67 3.96 3.48
N CYS C 88 12.77 3.68 4.41
CA CYS C 88 12.81 4.29 5.75
C CYS C 88 13.31 3.24 6.77
N GLN C 89 13.98 3.70 7.82
CA GLN C 89 14.41 2.83 8.91
C GLN C 89 14.19 3.49 10.28
N GLN C 90 13.75 2.68 11.24
CA GLN C 90 13.70 3.10 12.63
C GLN C 90 14.96 2.63 13.35
N TYR C 91 15.50 3.50 14.21
CA TYR C 91 16.59 3.10 15.11
C TYR C 91 16.21 3.43 16.55
N ASN C 92 14.91 3.39 16.82
CA ASN C 92 14.41 3.63 18.15
C ASN C 92 14.91 2.55 19.14
N SER C 93 14.55 1.31 18.85
CA SER C 93 15.03 0.15 19.60
C SER C 93 15.67 -0.86 18.65
N SER C 94 16.21 -1.95 19.17
CA SER C 94 16.73 -2.98 18.28
C SER C 94 15.68 -4.07 18.10
N PRO C 95 15.69 -4.77 16.96
CA PRO C 95 16.52 -4.53 15.78
C PRO C 95 16.04 -3.31 15.00
N GLU C 96 16.96 -2.57 14.39
CA GLU C 96 16.57 -1.56 13.43
C GLU C 96 15.91 -2.30 12.31
N THR C 97 14.69 -1.88 12.00
CA THR C 97 13.90 -2.49 10.96
C THR C 97 13.75 -1.48 9.85
N PHE C 98 13.62 -1.99 8.63
CA PHE C 98 13.44 -1.12 7.48
C PHE C 98 11.99 -1.15 7.02
N GLY C 99 11.66 -0.27 6.08
CA GLY C 99 10.39 -0.34 5.37
C GLY C 99 10.56 -1.36 4.27
N GLN C 100 9.65 -1.35 3.31
CA GLN C 100 9.77 -2.31 2.22
C GLN C 100 10.27 -1.63 0.94
N GLY C 101 10.46 -0.32 1.02
CA GLY C 101 10.96 0.44 -0.11
C GLY C 101 9.86 1.00 -0.97
N THR C 102 10.24 1.93 -1.85
CA THR C 102 9.32 2.57 -2.75
C THR C 102 10.06 2.90 -4.02
N LYS C 103 9.73 2.19 -5.10
CA LYS C 103 10.37 2.41 -6.39
C LYS C 103 9.66 3.54 -7.09
N VAL C 104 10.40 4.62 -7.28
CA VAL C 104 9.85 5.79 -7.90
C VAL C 104 10.25 5.73 -9.34
N GLU C 105 9.33 5.19 -10.14
CA GLU C 105 9.56 4.95 -11.56
C GLU C 105 9.25 6.22 -12.38
N ILE C 106 9.89 6.32 -13.55
CA ILE C 106 9.79 7.51 -14.37
C ILE C 106 8.59 7.38 -15.30
N LYS C 107 7.71 8.39 -15.27
CA LYS C 107 6.43 8.32 -15.97
C LYS C 107 6.45 8.90 -17.40
N ARG C 108 5.83 8.16 -18.31
CA ARG C 108 5.74 8.54 -19.69
C ARG C 108 4.34 8.19 -20.23
N THR C 109 4.13 8.35 -21.55
CA THR C 109 2.83 8.10 -22.17
C THR C 109 2.64 6.64 -22.57
N VAL C 110 1.39 6.19 -22.70
CA VAL C 110 1.07 4.80 -23.07
C VAL C 110 1.68 4.39 -24.41
N ALA C 111 2.33 3.23 -24.45
CA ALA C 111 2.97 2.76 -25.68
C ALA C 111 2.75 1.28 -25.87
N ALA C 112 2.03 0.93 -26.92
CA ALA C 112 1.80 -0.47 -27.23
C ALA C 112 3.11 -1.15 -27.58
N PRO C 113 3.21 -2.43 -27.22
CA PRO C 113 4.42 -3.20 -27.51
C PRO C 113 4.48 -3.72 -28.94
N SER C 114 5.65 -3.68 -29.56
CA SER C 114 5.87 -4.46 -30.78
C SER C 114 6.08 -5.93 -30.38
N VAL C 115 5.42 -6.86 -31.06
CA VAL C 115 5.49 -8.28 -30.71
C VAL C 115 6.28 -9.11 -31.74
N PHE C 116 7.10 -10.04 -31.25
CA PHE C 116 7.89 -10.90 -32.11
C PHE C 116 7.91 -12.31 -31.54
N ILE C 117 7.88 -13.33 -32.40
CA ILE C 117 8.01 -14.69 -31.93
C ILE C 117 9.17 -15.40 -32.66
N PHE C 118 9.84 -16.31 -31.95
CA PHE C 118 11.07 -16.94 -32.40
C PHE C 118 11.03 -18.45 -32.25
N PRO C 119 10.98 -19.18 -33.37
CA PRO C 119 10.98 -20.65 -33.36
C PRO C 119 12.29 -21.21 -32.86
N PRO C 120 12.25 -22.43 -32.30
CA PRO C 120 13.45 -23.15 -31.85
C PRO C 120 14.49 -23.31 -32.94
N SER C 121 15.76 -23.15 -32.56
CA SER C 121 16.88 -23.39 -33.46
C SER C 121 16.99 -24.88 -33.76
N ASP C 122 17.59 -25.21 -34.90
CA ASP C 122 17.70 -26.62 -35.26
C ASP C 122 18.66 -27.31 -34.28
N GLU C 123 19.66 -26.59 -33.80
CA GLU C 123 20.65 -27.18 -32.93
C GLU C 123 20.13 -27.39 -31.49
N GLN C 124 19.29 -26.48 -30.99
CA GLN C 124 18.69 -26.76 -29.68
C GLN C 124 17.77 -27.96 -29.80
N LEU C 125 17.19 -28.10 -30.98
CA LEU C 125 16.25 -29.17 -31.29
C LEU C 125 16.95 -30.52 -31.31
N LYS C 126 18.26 -30.50 -31.57
CA LYS C 126 19.10 -31.70 -31.39
C LYS C 126 19.14 -32.21 -29.94
N SER C 127 19.07 -31.28 -28.97
CA SER C 127 19.25 -31.56 -27.52
C SER C 127 17.97 -31.95 -26.81
N GLY C 128 16.99 -32.44 -27.56
CA GLY C 128 15.77 -32.94 -26.96
C GLY C 128 14.85 -31.87 -26.42
N THR C 129 15.35 -30.65 -26.33
CA THR C 129 14.60 -29.55 -25.73
C THR C 129 14.21 -28.50 -26.79
N ALA C 130 13.00 -27.95 -26.66
CA ALA C 130 12.52 -26.92 -27.58
C ALA C 130 12.12 -25.64 -26.85
N SER C 131 12.74 -24.51 -27.20
CA SER C 131 12.36 -23.24 -26.59
C SER C 131 11.76 -22.19 -27.56
N VAL C 132 10.51 -21.85 -27.33
CA VAL C 132 9.89 -20.76 -28.07
C VAL C 132 10.02 -19.45 -27.29
N VAL C 133 10.57 -18.43 -27.91
CA VAL C 133 10.66 -17.10 -27.25
C VAL C 133 9.74 -16.09 -27.90
N CYS C 134 8.90 -15.45 -27.10
CA CYS C 134 8.12 -14.32 -27.58
C CYS C 134 8.68 -13.03 -27.01
N LEU C 135 8.87 -12.02 -27.85
CA LEU C 135 9.41 -10.72 -27.42
C LEU C 135 8.36 -9.61 -27.50
N LEU C 136 8.34 -8.74 -26.50
CA LEU C 136 7.48 -7.57 -26.45
C LEU C 136 8.34 -6.33 -26.29
N ASN C 137 8.53 -5.56 -27.36
CA ASN C 137 9.49 -4.46 -27.37
C ASN C 137 8.91 -3.07 -27.08
N ASN C 138 9.65 -2.29 -26.29
CA ASN C 138 9.34 -0.89 -25.97
C ASN C 138 7.90 -0.57 -25.63
N PHE C 139 7.43 -0.90 -24.44
CA PHE C 139 6.07 -0.52 -24.06
C PHE C 139 5.96 0.16 -22.68
N TYR C 140 4.78 0.72 -22.39
CA TYR C 140 4.50 1.34 -21.11
C TYR C 140 2.99 1.36 -20.88
N PRO C 141 2.53 1.06 -19.65
CA PRO C 141 3.26 0.73 -18.42
C PRO C 141 3.77 -0.71 -18.43
N ARG C 142 4.40 -1.18 -17.35
CA ARG C 142 5.08 -2.47 -17.37
C ARG C 142 4.13 -3.66 -17.42
N GLU C 143 2.84 -3.43 -17.14
CA GLU C 143 1.87 -4.53 -17.16
C GLU C 143 1.53 -5.05 -18.58
N ALA C 144 1.85 -6.32 -18.83
CA ALA C 144 1.42 -6.99 -20.05
C ALA C 144 1.20 -8.48 -19.78
N LYS C 145 0.11 -9.03 -20.31
CA LYS C 145 -0.14 -10.47 -20.22
C LYS C 145 0.38 -11.16 -21.47
N VAL C 146 1.22 -12.17 -21.26
CA VAL C 146 1.72 -13.01 -22.32
C VAL C 146 1.15 -14.40 -22.10
N GLN C 147 0.32 -14.84 -23.04
CA GLN C 147 -0.33 -16.12 -22.96
C GLN C 147 0.09 -17.00 -24.15
N TRP C 148 0.48 -18.23 -23.88
CA TRP C 148 0.90 -19.15 -24.93
C TRP C 148 -0.23 -20.07 -25.35
N LYS C 149 -0.22 -20.50 -26.61
CA LYS C 149 -1.24 -21.42 -27.11
C LYS C 149 -0.67 -22.43 -28.11
N VAL C 150 -0.90 -23.72 -27.84
CA VAL C 150 -0.31 -24.82 -28.61
C VAL C 150 -1.19 -26.07 -28.67
N ASP C 151 -1.92 -26.35 -29.76
CA ASP C 151 -2.34 -25.43 -30.80
C ASP C 151 -3.67 -24.89 -30.33
N ASN C 152 -3.80 -23.57 -30.26
CA ASN C 152 -5.00 -22.94 -29.75
C ASN C 152 -5.39 -23.43 -28.35
N ALA C 153 -4.50 -24.19 -27.71
CA ALA C 153 -4.71 -24.74 -26.37
C ALA C 153 -3.80 -24.07 -25.33
N LEU C 154 -4.42 -23.49 -24.30
CA LEU C 154 -3.68 -22.69 -23.33
C LEU C 154 -2.64 -23.46 -22.51
N GLN C 155 -1.61 -22.74 -22.07
CA GLN C 155 -0.51 -23.36 -21.33
C GLN C 155 -0.41 -22.94 -19.86
N SER C 156 0.41 -23.67 -19.10
CA SER C 156 0.52 -23.48 -17.66
C SER C 156 1.87 -23.96 -17.14
N GLY C 157 2.63 -23.07 -16.51
CA GLY C 157 3.88 -23.47 -15.89
C GLY C 157 4.92 -24.17 -16.74
N ASN C 158 5.08 -23.74 -17.99
CA ASN C 158 6.29 -24.09 -18.75
C ASN C 158 6.90 -22.84 -19.36
N SER C 159 6.40 -21.67 -18.95
CA SER C 159 6.86 -20.39 -19.47
C SER C 159 7.34 -19.45 -18.38
N GLN C 160 8.57 -18.98 -18.50
CA GLN C 160 9.12 -17.96 -17.62
C GLN C 160 9.33 -16.61 -18.30
N GLU C 161 8.61 -15.59 -17.83
CA GLU C 161 8.87 -14.21 -18.25
C GLU C 161 10.14 -13.60 -17.65
N SER C 162 10.33 -12.32 -17.93
CA SER C 162 11.47 -11.52 -17.49
C SER C 162 11.24 -10.14 -18.06
N VAL C 163 11.44 -9.08 -17.28
CA VAL C 163 11.17 -7.75 -17.81
C VAL C 163 12.40 -6.86 -17.66
N THR C 164 12.48 -5.86 -18.51
CA THR C 164 13.67 -5.08 -18.67
C THR C 164 13.56 -3.96 -17.64
N GLU C 165 14.65 -3.22 -17.46
CA GLU C 165 14.62 -2.04 -16.62
C GLU C 165 14.20 -0.85 -17.51
N GLN C 166 13.44 0.08 -16.93
CA GLN C 166 12.96 1.23 -17.68
C GLN C 166 14.11 1.89 -18.42
N ASP C 167 13.90 2.16 -19.70
CA ASP C 167 14.97 2.51 -20.63
C ASP C 167 15.55 3.90 -20.45
N SER C 168 16.87 3.99 -20.62
CA SER C 168 17.58 5.24 -20.39
C SER C 168 17.06 6.35 -21.31
N LYS C 169 16.96 6.05 -22.60
CA LYS C 169 16.52 7.00 -23.64
C LYS C 169 15.01 7.29 -23.66
N ASP C 170 14.18 6.24 -23.72
CA ASP C 170 12.75 6.42 -23.98
C ASP C 170 11.82 5.91 -22.89
N SER C 171 12.40 5.41 -21.79
CA SER C 171 11.68 5.09 -20.55
C SER C 171 10.67 3.96 -20.69
N THR C 172 10.88 3.06 -21.64
CA THR C 172 9.92 1.98 -21.86
C THR C 172 10.48 0.64 -21.37
N TYR C 173 9.59 -0.32 -21.16
CA TYR C 173 10.04 -1.63 -20.74
C TYR C 173 10.06 -2.58 -21.94
N SER C 174 10.68 -3.74 -21.76
CA SER C 174 10.56 -4.84 -22.72
C SER C 174 10.47 -6.17 -21.97
N LEU C 175 9.82 -7.16 -22.57
CA LEU C 175 9.47 -8.39 -21.87
C LEU C 175 9.81 -9.61 -22.73
N SER C 176 10.38 -10.63 -22.11
CA SER C 176 10.82 -11.83 -22.83
C SER C 176 10.29 -13.12 -22.21
N SER C 177 9.09 -13.53 -22.60
CA SER C 177 8.55 -14.82 -22.15
C SER C 177 9.05 -16.01 -22.98
N THR C 178 9.40 -17.08 -22.26
CA THR C 178 10.02 -18.23 -22.89
C THR C 178 9.28 -19.52 -22.57
N LEU C 179 8.49 -20.00 -23.52
CA LEU C 179 7.86 -21.31 -23.44
C LEU C 179 8.84 -22.41 -23.81
N THR C 180 8.93 -23.45 -22.99
CA THR C 180 9.98 -24.44 -23.19
C THR C 180 9.53 -25.88 -22.87
N LEU C 181 9.82 -26.81 -23.77
CA LEU C 181 9.38 -28.20 -23.64
C LEU C 181 10.23 -29.22 -24.39
N SER C 182 9.84 -30.50 -24.29
CA SER C 182 10.59 -31.62 -24.90
C SER C 182 10.46 -31.67 -26.43
N LYS C 183 11.53 -32.06 -27.12
CA LYS C 183 11.48 -32.25 -28.58
C LYS C 183 10.30 -33.16 -28.93
N ALA C 184 10.03 -34.13 -28.05
CA ALA C 184 8.89 -35.01 -28.20
C ALA C 184 7.57 -34.25 -28.22
N ASP C 185 7.32 -33.42 -27.21
CA ASP C 185 6.06 -32.68 -27.14
C ASP C 185 6.00 -31.62 -28.22
N TYR C 186 7.17 -31.16 -28.65
CA TYR C 186 7.23 -30.12 -29.66
C TYR C 186 6.62 -30.64 -30.96
N GLU C 187 7.16 -31.76 -31.45
CA GLU C 187 6.72 -32.37 -32.69
C GLU C 187 5.34 -33.04 -32.58
N LYS C 188 4.80 -33.12 -31.37
CA LYS C 188 3.44 -33.58 -31.13
C LYS C 188 2.41 -32.50 -31.52
N HIS C 189 2.89 -31.33 -31.98
CA HIS C 189 2.00 -30.24 -32.41
C HIS C 189 2.53 -29.42 -33.62
N LYS C 190 1.67 -28.58 -34.20
CA LYS C 190 2.09 -27.82 -35.39
C LYS C 190 1.93 -26.29 -35.23
N LEU C 191 0.92 -25.84 -34.50
CA LEU C 191 0.72 -24.39 -34.33
C LEU C 191 1.18 -23.85 -32.96
N TYR C 192 2.08 -22.87 -33.00
CA TYR C 192 2.67 -22.29 -31.80
C TYR C 192 2.43 -20.80 -31.77
N ALA C 193 1.71 -20.31 -30.77
CA ALA C 193 1.36 -18.90 -30.75
C ALA C 193 1.65 -18.19 -29.44
N CYS C 194 1.83 -16.89 -29.56
CA CYS C 194 2.11 -16.00 -28.45
C CYS C 194 0.97 -14.97 -28.44
N GLU C 195 0.24 -14.82 -27.35
CA GLU C 195 -0.86 -13.86 -27.37
C GLU C 195 -0.69 -12.80 -26.31
N VAL C 196 -0.88 -11.55 -26.68
CA VAL C 196 -0.40 -10.44 -25.88
C VAL C 196 -1.43 -9.34 -25.66
N THR C 197 -1.73 -9.02 -24.40
CA THR C 197 -2.58 -7.86 -24.11
C THR C 197 -1.83 -6.74 -23.39
N HIS C 198 -2.26 -5.51 -23.65
CA HIS C 198 -1.67 -4.33 -23.04
C HIS C 198 -2.71 -3.24 -22.94
N GLN C 199 -2.36 -2.14 -22.28
CA GLN C 199 -3.27 -1.01 -22.16
C GLN C 199 -3.33 -0.20 -23.47
N GLY C 200 -2.27 -0.28 -24.27
CA GLY C 200 -2.23 0.41 -25.55
C GLY C 200 -2.65 -0.45 -26.74
N LEU C 201 -3.42 -1.51 -26.42
CA LEU C 201 -3.96 -2.42 -27.41
C LEU C 201 -5.45 -2.58 -27.17
N SER C 202 -6.22 -2.34 -28.24
CA SER C 202 -7.66 -2.51 -28.26
C SER C 202 -8.00 -4.00 -28.28
N SER C 203 -7.24 -4.72 -29.09
CA SER C 203 -7.43 -6.15 -29.25
C SER C 203 -6.11 -6.89 -29.05
N PRO C 204 -6.14 -7.97 -28.25
CA PRO C 204 -5.01 -8.86 -27.97
C PRO C 204 -4.30 -9.27 -29.25
N VAL C 205 -3.04 -8.95 -29.33
CA VAL C 205 -2.24 -9.20 -30.51
C VAL C 205 -1.62 -10.59 -30.50
N THR C 206 -1.79 -11.36 -31.58
CA THR C 206 -1.21 -12.71 -31.60
C THR C 206 -0.15 -12.91 -32.68
N LYS C 207 1.02 -13.39 -32.26
CA LYS C 207 2.04 -13.83 -33.20
C LYS C 207 2.15 -15.35 -33.11
N SER C 208 2.17 -16.01 -34.25
CA SER C 208 2.07 -17.47 -34.30
C SER C 208 2.91 -18.02 -35.43
N PHE C 209 3.20 -19.32 -35.38
CA PHE C 209 3.84 -19.95 -36.51
C PHE C 209 3.53 -21.43 -36.62
N ASN C 210 3.83 -22.01 -37.77
CA ASN C 210 3.64 -23.43 -37.98
C ASN C 210 4.96 -24.15 -37.85
N ARG C 211 4.96 -25.24 -37.09
CA ARG C 211 6.14 -26.05 -36.88
C ARG C 211 6.70 -26.66 -38.18
N GLY C 212 8.01 -26.86 -38.20
CA GLY C 212 8.67 -27.47 -39.35
C GLY C 212 8.76 -26.55 -40.55
N GLU C 213 7.61 -25.99 -40.92
CA GLU C 213 7.53 -24.87 -41.86
C GLU C 213 8.35 -23.65 -41.37
N CYS C 214 8.56 -23.58 -40.06
CA CYS C 214 9.46 -22.61 -39.44
C CYS C 214 10.21 -23.27 -38.27
N GLN D 1 36.16 11.39 4.41
CA GLN D 1 37.25 10.62 3.81
C GLN D 1 37.27 9.17 4.30
N VAL D 2 36.10 8.61 4.57
CA VAL D 2 35.97 7.25 5.11
C VAL D 2 35.46 6.28 4.04
N GLN D 3 36.02 5.08 4.01
CA GLN D 3 35.76 4.11 2.94
C GLN D 3 35.76 2.64 3.40
N LEU D 4 34.69 1.94 3.08
CA LEU D 4 34.59 0.51 3.39
C LEU D 4 34.69 -0.36 2.13
N VAL D 5 35.51 -1.39 2.19
CA VAL D 5 35.80 -2.24 1.04
C VAL D 5 35.48 -3.70 1.33
N GLN D 6 34.37 -4.19 0.79
CA GLN D 6 33.92 -5.56 1.07
C GLN D 6 34.66 -6.60 0.22
N SER D 7 34.64 -7.85 0.71
CA SER D 7 35.27 -8.98 0.04
C SER D 7 34.53 -9.35 -1.26
N GLY D 8 35.19 -10.10 -2.14
CA GLY D 8 34.60 -10.55 -3.38
C GLY D 8 33.35 -11.42 -3.24
N ALA D 9 32.60 -11.57 -4.33
CA ALA D 9 31.35 -12.32 -4.30
C ALA D 9 31.62 -13.80 -4.09
N GLU D 10 30.57 -14.55 -3.76
CA GLU D 10 30.71 -15.95 -3.41
C GLU D 10 29.49 -16.80 -3.81
N VAL D 11 29.76 -18.05 -4.17
CA VAL D 11 28.71 -19.04 -4.40
C VAL D 11 28.91 -20.24 -3.47
N LYS D 12 27.88 -20.55 -2.68
CA LYS D 12 28.02 -21.53 -1.62
C LYS D 12 26.91 -22.57 -1.67
N LYS D 13 27.26 -23.82 -1.39
CA LYS D 13 26.25 -24.88 -1.38
C LYS D 13 25.39 -24.64 -0.17
N PRO D 14 24.13 -25.08 -0.20
CA PRO D 14 23.29 -24.96 0.99
C PRO D 14 23.90 -25.74 2.17
N GLY D 15 23.58 -25.29 3.39
CA GLY D 15 24.09 -25.91 4.61
C GLY D 15 25.48 -25.40 4.97
N SER D 16 26.29 -25.08 3.96
CA SER D 16 27.66 -24.57 4.11
C SER D 16 27.74 -23.17 4.73
N SER D 17 28.95 -22.63 4.89
CA SER D 17 29.12 -21.30 5.51
C SER D 17 29.90 -20.34 4.60
N VAL D 18 29.57 -19.04 4.68
CA VAL D 18 30.28 -18.02 3.91
C VAL D 18 30.80 -16.94 4.88
N LYS D 19 31.98 -16.38 4.60
CA LYS D 19 32.56 -15.29 5.39
C LYS D 19 33.05 -14.14 4.51
N VAL D 20 32.36 -13.01 4.50
CA VAL D 20 32.80 -11.83 3.74
C VAL D 20 33.44 -10.74 4.62
N SER D 21 34.57 -10.22 4.16
CA SER D 21 35.33 -9.18 4.86
C SER D 21 34.77 -7.78 4.65
N CYS D 22 35.38 -6.80 5.33
CA CYS D 22 35.02 -5.38 5.25
C CYS D 22 36.15 -4.52 5.78
N GLU D 23 37.13 -4.21 4.92
CA GLU D 23 38.26 -3.35 5.31
C GLU D 23 37.82 -1.90 5.41
N ALA D 24 38.01 -1.31 6.58
CA ALA D 24 37.49 0.02 6.81
C ALA D 24 38.63 1.01 7.08
N SER D 25 38.50 2.20 6.50
CA SER D 25 39.46 3.28 6.61
C SER D 25 38.96 4.43 5.74
N GLY D 26 39.09 5.66 6.22
CA GLY D 26 39.72 5.93 7.48
C GLY D 26 38.66 6.52 8.35
N VAL D 27 38.22 5.72 9.30
CA VAL D 27 37.43 6.26 10.39
C VAL D 27 38.30 7.15 11.26
N THR D 28 37.70 7.63 12.32
CA THR D 28 38.24 8.76 13.05
C THR D 28 38.18 8.47 14.54
N SER D 29 38.06 7.19 14.84
CA SER D 29 37.87 6.68 16.17
C SER D 29 38.16 5.19 16.12
N SER D 30 38.77 4.65 17.15
CA SER D 30 38.97 3.21 17.17
C SER D 30 37.70 2.57 17.70
N SER D 31 36.80 3.42 18.16
CA SER D 31 35.55 2.96 18.77
C SER D 31 34.38 3.01 17.78
N TYR D 32 34.68 2.92 16.49
CA TYR D 32 33.64 2.86 15.46
C TYR D 32 32.78 1.63 15.65
N THR D 33 31.62 1.65 15.02
CA THR D 33 30.73 0.50 15.03
C THR D 33 30.34 0.11 13.59
N ILE D 34 30.39 -1.17 13.27
CA ILE D 34 30.02 -1.62 11.93
C ILE D 34 28.75 -2.51 11.94
N SER D 35 27.81 -2.17 11.07
CA SER D 35 26.54 -2.87 10.98
C SER D 35 26.47 -3.66 9.67
N TRP D 36 25.90 -4.86 9.70
CA TRP D 36 25.68 -5.59 8.44
C TRP D 36 24.20 -5.70 8.05
N VAL D 37 23.91 -5.31 6.80
CA VAL D 37 22.56 -5.32 6.24
C VAL D 37 22.56 -6.06 4.90
N ARG D 38 21.56 -6.91 4.67
CA ARG D 38 21.48 -7.56 3.38
C ARG D 38 20.27 -7.16 2.56
N LEU D 39 20.49 -7.10 1.25
CA LEU D 39 19.43 -6.86 0.29
C LEU D 39 18.99 -8.20 -0.30
N ALA D 40 17.75 -8.57 -0.06
CA ALA D 40 17.26 -9.89 -0.46
C ALA D 40 16.09 -9.79 -1.43
N PRO D 41 16.14 -10.57 -2.53
CA PRO D 41 15.12 -10.60 -3.59
C PRO D 41 13.69 -10.68 -3.05
N GLY D 42 12.83 -9.79 -3.54
CA GLY D 42 11.47 -9.73 -3.06
C GLY D 42 11.35 -9.09 -1.68
N GLN D 43 12.25 -9.49 -0.76
CA GLN D 43 12.36 -8.88 0.56
C GLN D 43 12.97 -7.47 0.49
N GLY D 44 13.04 -6.77 1.63
CA GLY D 44 13.54 -5.41 1.59
C GLY D 44 15.03 -5.34 1.88
N LEU D 45 15.40 -4.38 2.72
CA LEU D 45 16.69 -4.41 3.40
C LEU D 45 16.47 -5.09 4.79
N GLU D 46 17.41 -5.90 5.24
CA GLU D 46 17.29 -6.54 6.54
C GLU D 46 18.54 -6.27 7.34
N TRP D 47 18.37 -5.65 8.52
CA TRP D 47 19.52 -5.49 9.41
C TRP D 47 19.84 -6.86 10.03
N MET D 48 21.11 -7.25 9.96
CA MET D 48 21.52 -8.55 10.47
C MET D 48 22.15 -8.46 11.88
N GLY D 49 23.03 -7.48 12.06
CA GLY D 49 23.83 -7.39 13.25
C GLY D 49 24.80 -6.24 13.30
N ARG D 50 25.62 -6.24 14.35
CA ARG D 50 26.41 -5.07 14.69
C ARG D 50 27.61 -5.40 15.57
N ILE D 51 28.77 -4.87 15.21
CA ILE D 51 29.94 -5.10 16.04
C ILE D 51 30.71 -3.80 16.36
N THR D 52 31.06 -3.64 17.62
CA THR D 52 31.95 -2.54 18.01
C THR D 52 33.29 -3.13 18.41
N PRO D 53 34.23 -3.17 17.45
CA PRO D 53 35.42 -4.01 17.56
C PRO D 53 36.40 -3.66 18.67
N ILE D 54 36.37 -2.44 19.21
CA ILE D 54 37.34 -2.12 20.26
C ILE D 54 37.15 -3.01 21.48
N PHE D 55 35.88 -3.25 21.83
CA PHE D 55 35.48 -4.08 22.95
C PHE D 55 34.93 -5.42 22.50
N ASP D 56 34.96 -5.67 21.19
CA ASP D 56 34.39 -6.89 20.62
C ASP D 56 32.94 -7.10 21.09
N ILE D 57 32.19 -6.01 21.27
CA ILE D 57 30.77 -6.09 21.61
C ILE D 57 29.91 -6.35 20.39
N THR D 58 29.15 -7.44 20.39
CA THR D 58 28.37 -7.84 19.20
C THR D 58 26.91 -7.98 19.55
N ASN D 59 26.03 -7.59 18.64
CA ASN D 59 24.60 -7.85 18.81
C ASN D 59 23.97 -8.23 17.47
N TYR D 60 23.27 -9.36 17.48
CA TYR D 60 22.75 -9.96 16.27
C TYR D 60 21.22 -9.84 16.26
N ALA D 61 20.60 -9.68 15.10
CA ALA D 61 19.14 -9.74 15.03
C ALA D 61 18.71 -11.17 15.37
N GLN D 62 17.48 -11.33 15.87
CA GLN D 62 17.05 -12.63 16.40
C GLN D 62 16.85 -13.66 15.29
N LYS D 63 16.48 -13.19 14.10
CA LYS D 63 16.37 -14.03 12.92
C LYS D 63 17.66 -14.79 12.64
N PHE D 64 18.79 -14.15 12.91
CA PHE D 64 20.09 -14.76 12.63
C PHE D 64 20.94 -15.14 13.87
N GLN D 65 20.36 -15.06 15.08
CA GLN D 65 21.15 -15.24 16.32
C GLN D 65 22.05 -16.48 16.24
N GLY D 66 21.48 -17.57 15.74
CA GLY D 66 22.24 -18.79 15.55
C GLY D 66 23.30 -18.75 14.46
N ARG D 67 22.94 -18.21 13.30
CA ARG D 67 23.70 -18.46 12.08
C ARG D 67 24.77 -17.39 11.78
N VAL D 68 24.70 -16.25 12.43
CA VAL D 68 25.58 -15.16 12.07
C VAL D 68 26.64 -14.89 13.16
N THR D 69 27.81 -14.44 12.73
CA THR D 69 28.96 -14.25 13.60
C THR D 69 29.83 -13.09 13.11
N LEU D 70 29.72 -11.94 13.76
CA LEU D 70 30.65 -10.84 13.48
C LEU D 70 31.91 -11.02 14.34
N THR D 71 33.07 -10.84 13.74
CA THR D 71 34.33 -10.88 14.45
C THR D 71 35.13 -9.71 13.93
N ALA D 72 36.28 -9.40 14.51
CA ALA D 72 37.06 -8.33 13.90
C ALA D 72 38.54 -8.50 14.14
N ASP D 73 39.32 -7.83 13.30
CA ASP D 73 40.77 -7.85 13.38
C ASP D 73 41.23 -6.39 13.52
N LYS D 74 41.37 -5.98 14.76
CA LYS D 74 41.54 -4.57 15.09
C LYS D 74 42.76 -3.99 14.42
N SER D 75 43.84 -4.76 14.40
CA SER D 75 45.12 -4.29 13.86
C SER D 75 45.05 -3.97 12.35
N THR D 76 43.99 -4.42 11.69
CA THR D 76 43.83 -4.21 10.27
C THR D 76 42.53 -3.49 9.89
N GLY D 77 41.77 -3.03 10.89
CA GLY D 77 40.52 -2.34 10.63
C GLY D 77 39.46 -3.18 9.93
N THR D 78 39.71 -4.47 9.80
CA THR D 78 38.80 -5.36 9.11
C THR D 78 37.82 -6.03 10.07
N THR D 79 36.55 -6.01 9.71
CA THR D 79 35.52 -6.73 10.45
C THR D 79 34.93 -7.79 9.50
N TYR D 80 34.49 -8.92 10.04
CA TYR D 80 34.10 -10.10 9.25
C TYR D 80 32.69 -10.61 9.56
N MET D 81 31.89 -10.82 8.52
CA MET D 81 30.51 -11.29 8.65
C MET D 81 30.43 -12.71 8.15
N GLU D 82 29.85 -13.59 8.94
CA GLU D 82 29.87 -15.00 8.58
C GLU D 82 28.55 -15.68 8.91
N LEU D 83 27.80 -16.00 7.87
CA LEU D 83 26.50 -16.65 8.01
C LEU D 83 26.65 -18.16 7.87
N SER D 84 25.81 -18.91 8.58
CA SER D 84 26.06 -20.33 8.77
C SER D 84 25.10 -21.26 8.04
N SER D 85 24.08 -21.78 8.71
CA SER D 85 23.34 -22.89 8.10
C SER D 85 22.54 -22.41 6.88
N LEU D 86 23.26 -22.23 5.76
CA LEU D 86 22.77 -21.48 4.57
C LEU D 86 21.57 -22.13 3.91
N ARG D 87 20.39 -21.54 4.06
CA ARG D 87 19.25 -21.96 3.29
C ARG D 87 19.43 -21.33 1.91
N SER D 88 18.74 -21.83 0.90
CA SER D 88 18.93 -21.23 -0.42
C SER D 88 18.40 -19.80 -0.45
N ASP D 89 17.50 -19.49 0.50
CA ASP D 89 16.91 -18.16 0.60
C ASP D 89 17.84 -17.10 1.20
N ASP D 90 19.11 -17.45 1.41
CA ASP D 90 20.11 -16.48 1.87
C ASP D 90 20.84 -15.93 0.68
N THR D 91 20.30 -16.16 -0.49
CA THR D 91 20.94 -15.65 -1.68
C THR D 91 20.58 -14.18 -1.71
N ALA D 92 21.59 -13.32 -1.59
CA ALA D 92 21.33 -11.91 -1.42
C ALA D 92 22.56 -11.06 -1.66
N VAL D 93 22.42 -9.74 -1.45
CA VAL D 93 23.58 -8.85 -1.46
C VAL D 93 23.86 -8.37 -0.03
N TYR D 94 25.13 -8.44 0.37
CA TYR D 94 25.47 -8.21 1.77
C TYR D 94 26.27 -6.91 1.93
N TYR D 95 25.72 -5.96 2.67
CA TYR D 95 26.40 -4.68 2.89
C TYR D 95 26.88 -4.54 4.32
N CYS D 96 28.07 -3.97 4.51
CA CYS D 96 28.48 -3.47 5.82
C CYS D 96 28.38 -1.96 5.80
N ALA D 97 27.96 -1.37 6.91
CA ALA D 97 27.84 0.09 7.00
C ALA D 97 28.36 0.62 8.34
N ARG D 98 28.84 1.85 8.33
CA ARG D 98 29.27 2.50 9.55
C ARG D 98 28.07 3.06 10.28
N ASP D 99 27.79 2.58 11.50
CA ASP D 99 26.83 3.21 12.43
C ASP D 99 27.43 4.49 13.02
N LYS D 100 27.01 5.64 12.50
CA LYS D 100 27.64 6.89 12.88
C LYS D 100 27.07 7.40 14.17
N SER D 101 27.91 7.50 15.19
CA SER D 101 27.44 7.84 16.52
C SER D 101 28.41 8.75 17.24
N ASP D 102 27.89 9.57 18.15
CA ASP D 102 28.73 10.40 19.01
C ASP D 102 29.21 9.65 20.25
N VAL D 103 28.52 8.56 20.55
CA VAL D 103 28.83 7.71 21.67
C VAL D 103 29.14 6.29 21.18
N VAL D 104 30.06 5.62 21.87
CA VAL D 104 30.40 4.24 21.56
C VAL D 104 29.15 3.38 21.66
N VAL D 105 28.72 2.83 20.52
CA VAL D 105 27.54 1.97 20.53
C VAL D 105 27.89 0.73 21.35
N VAL D 106 27.28 0.63 22.52
CA VAL D 106 27.38 -0.53 23.37
C VAL D 106 25.95 -1.03 23.54
N THR D 107 25.76 -2.33 23.44
CA THR D 107 24.40 -2.90 23.32
C THR D 107 23.55 -2.19 22.24
N SER D 108 22.57 -1.39 22.66
CA SER D 108 21.67 -0.76 21.71
C SER D 108 22.28 0.48 21.05
N ILE D 109 21.73 0.90 19.91
CA ILE D 109 21.94 2.23 19.40
C ILE D 109 21.39 3.17 20.45
N ARG D 110 22.15 4.20 20.80
CA ARG D 110 21.57 5.30 21.56
C ARG D 110 21.12 6.35 20.54
N PRO D 111 19.79 6.46 20.31
CA PRO D 111 19.20 7.28 19.25
C PRO D 111 19.51 8.74 19.36
N ALA D 112 19.65 9.25 20.57
CA ALA D 112 19.92 10.66 20.74
C ALA D 112 21.20 11.12 20.01
N TYR D 113 22.15 10.20 19.82
CA TYR D 113 23.48 10.56 19.31
C TYR D 113 23.81 9.85 18.00
N TYR D 114 22.83 9.13 17.48
CA TYR D 114 22.92 8.45 16.19
C TYR D 114 22.75 9.39 14.98
N TYR D 115 23.54 9.14 13.92
CA TYR D 115 23.53 9.94 12.69
C TYR D 115 23.24 9.16 11.41
N GLY D 116 22.73 7.92 11.56
CA GLY D 116 22.47 7.02 10.46
C GLY D 116 23.67 6.19 10.03
N MET D 117 23.42 5.06 9.38
CA MET D 117 24.47 4.36 8.65
C MET D 117 24.79 5.29 7.51
N ASP D 118 25.96 5.92 7.56
CA ASP D 118 26.26 7.00 6.64
C ASP D 118 27.31 6.63 5.59
N VAL D 119 27.96 5.49 5.76
CA VAL D 119 28.90 4.99 4.77
C VAL D 119 28.76 3.48 4.59
N TRP D 120 28.57 3.07 3.33
CA TRP D 120 28.34 1.67 3.00
C TRP D 120 29.49 1.13 2.20
N GLY D 121 29.73 -0.17 2.27
CA GLY D 121 30.63 -0.85 1.36
C GLY D 121 29.92 -1.11 0.03
N GLN D 122 30.70 -1.41 -1.01
CA GLN D 122 30.13 -1.64 -2.35
C GLN D 122 29.20 -2.85 -2.44
N GLY D 123 29.27 -3.75 -1.47
CA GLY D 123 28.36 -4.87 -1.42
C GLY D 123 29.00 -6.17 -1.85
N THR D 124 28.37 -7.27 -1.49
CA THR D 124 28.88 -8.60 -1.82
C THR D 124 27.74 -9.52 -2.19
N THR D 125 27.80 -10.07 -3.40
CA THR D 125 26.75 -10.98 -3.83
C THR D 125 27.07 -12.39 -3.40
N VAL D 126 26.09 -13.00 -2.75
CA VAL D 126 26.24 -14.37 -2.30
C VAL D 126 25.11 -15.20 -2.89
N THR D 127 25.51 -16.14 -3.74
CA THR D 127 24.58 -17.08 -4.31
C THR D 127 24.66 -18.37 -3.52
N VAL D 128 23.53 -18.81 -2.95
CA VAL D 128 23.51 -20.09 -2.26
C VAL D 128 22.78 -21.10 -3.14
N SER D 129 23.54 -22.05 -3.68
CA SER D 129 22.98 -23.05 -4.59
C SER D 129 23.75 -24.38 -4.68
N SER D 130 22.97 -25.45 -4.56
CA SER D 130 23.37 -26.83 -4.79
C SER D 130 24.09 -26.99 -6.10
N ALA D 131 23.43 -26.55 -7.16
CA ALA D 131 23.90 -26.66 -8.55
C ALA D 131 25.27 -26.05 -8.74
N SER D 132 26.16 -26.77 -9.43
CA SER D 132 27.53 -26.31 -9.58
C SER D 132 27.79 -25.65 -10.94
N THR D 133 29.05 -25.32 -11.20
CA THR D 133 29.43 -24.47 -12.33
C THR D 133 29.09 -25.05 -13.70
N LYS D 134 28.64 -24.17 -14.63
CA LYS D 134 28.28 -24.55 -16.00
C LYS D 134 28.23 -23.37 -17.00
N GLY D 135 28.99 -23.47 -18.09
CA GLY D 135 28.89 -22.52 -19.18
C GLY D 135 27.59 -22.69 -19.96
N PRO D 136 27.13 -21.63 -20.63
CA PRO D 136 25.81 -21.68 -21.24
C PRO D 136 25.81 -22.29 -22.63
N SER D 137 24.66 -22.80 -23.04
CA SER D 137 24.46 -23.11 -24.46
C SER D 137 23.83 -21.88 -25.12
N VAL D 138 24.43 -21.42 -26.20
CA VAL D 138 23.93 -20.24 -26.91
C VAL D 138 23.23 -20.66 -28.21
N PHE D 139 21.95 -20.31 -28.31
CA PHE D 139 21.12 -20.68 -29.44
C PHE D 139 20.63 -19.41 -30.17
N PRO D 140 20.43 -19.48 -31.50
CA PRO D 140 20.02 -18.29 -32.27
C PRO D 140 18.51 -18.02 -32.20
N LEU D 141 18.16 -16.75 -32.05
CA LEU D 141 16.80 -16.28 -32.25
C LEU D 141 16.81 -15.57 -33.60
N ALA D 142 16.47 -16.35 -34.63
CA ALA D 142 16.66 -15.90 -35.99
C ALA D 142 15.56 -14.96 -36.45
N PRO D 143 15.96 -13.92 -37.20
CA PRO D 143 14.96 -13.04 -37.78
C PRO D 143 14.18 -13.82 -38.83
N SER D 144 12.85 -13.67 -38.81
CA SER D 144 11.99 -14.34 -39.77
C SER D 144 10.79 -13.44 -40.08
N SER D 145 9.86 -13.91 -40.92
CA SER D 145 8.66 -13.15 -41.21
C SER D 145 7.83 -12.97 -39.95
N LYS D 146 8.19 -13.70 -38.89
CA LYS D 146 7.49 -13.66 -37.61
C LYS D 146 8.15 -12.71 -36.61
N SER D 147 9.40 -12.32 -36.87
CA SER D 147 10.11 -11.46 -35.96
C SER D 147 10.30 -10.11 -36.63
N THR D 148 9.24 -9.66 -37.26
CA THR D 148 9.30 -8.47 -38.09
C THR D 148 8.04 -7.63 -37.83
N SER D 149 8.18 -6.33 -37.99
CA SER D 149 7.04 -5.45 -37.83
C SER D 149 7.37 -4.16 -38.55
N GLY D 150 6.78 -4.01 -39.73
CA GLY D 150 6.98 -2.83 -40.56
C GLY D 150 8.44 -2.43 -40.68
N GLY D 151 9.17 -3.15 -41.53
CA GLY D 151 10.49 -2.71 -41.93
C GLY D 151 11.55 -2.83 -40.86
N THR D 152 11.15 -3.25 -39.66
CA THR D 152 12.09 -3.50 -38.58
C THR D 152 12.02 -4.95 -38.14
N ALA D 153 13.18 -5.57 -37.99
CA ALA D 153 13.22 -6.98 -37.63
C ALA D 153 13.95 -7.22 -36.30
N ALA D 154 13.36 -8.07 -35.46
CA ALA D 154 13.97 -8.47 -34.19
C ALA D 154 14.77 -9.77 -34.36
N LEU D 155 15.96 -9.82 -33.78
CA LEU D 155 16.73 -11.07 -33.75
C LEU D 155 17.55 -11.15 -32.45
N GLY D 156 17.99 -12.34 -32.07
CA GLY D 156 18.67 -12.40 -30.79
C GLY D 156 19.58 -13.59 -30.54
N CYS D 157 19.72 -13.89 -29.25
CA CYS D 157 20.50 -14.99 -28.74
C CYS D 157 19.81 -15.49 -27.51
N LEU D 158 19.51 -16.78 -27.48
CA LEU D 158 19.08 -17.42 -26.24
C LEU D 158 20.31 -17.99 -25.52
N VAL D 159 20.65 -17.41 -24.36
CA VAL D 159 21.77 -17.89 -23.56
C VAL D 159 21.22 -18.80 -22.46
N LYS D 160 21.56 -20.08 -22.52
CA LYS D 160 20.77 -21.06 -21.81
C LYS D 160 21.58 -22.03 -20.96
N ASP D 161 21.03 -22.31 -19.76
CA ASP D 161 21.55 -23.31 -18.83
C ASP D 161 22.99 -23.05 -18.39
N TYR D 162 23.18 -21.98 -17.60
CA TYR D 162 24.46 -21.71 -16.96
C TYR D 162 24.35 -21.54 -15.43
N PHE D 163 25.47 -21.78 -14.75
CA PHE D 163 25.61 -21.43 -13.34
C PHE D 163 27.05 -21.09 -12.96
N PRO D 164 27.24 -20.02 -12.18
CA PRO D 164 26.19 -19.10 -11.74
C PRO D 164 26.17 -17.88 -12.64
N GLU D 165 25.40 -16.86 -12.26
CA GLU D 165 25.56 -15.53 -12.82
C GLU D 165 26.98 -15.07 -12.51
N PRO D 166 27.51 -14.14 -13.30
CA PRO D 166 26.92 -13.44 -14.44
C PRO D 166 27.42 -13.94 -15.78
N VAL D 167 26.65 -13.65 -16.82
CA VAL D 167 27.12 -13.84 -18.17
C VAL D 167 27.07 -12.47 -18.85
N THR D 168 27.92 -12.21 -19.84
CA THR D 168 27.81 -10.95 -20.59
C THR D 168 27.77 -11.10 -22.12
N VAL D 169 26.70 -10.58 -22.72
CA VAL D 169 26.54 -10.56 -24.15
C VAL D 169 26.65 -9.14 -24.69
N SER D 170 27.46 -9.02 -25.72
CA SER D 170 27.53 -7.82 -26.51
C SER D 170 27.24 -8.24 -27.94
N TRP D 171 26.98 -7.26 -28.81
CA TRP D 171 26.68 -7.59 -30.18
C TRP D 171 27.72 -7.02 -31.09
N ASN D 172 28.10 -7.81 -32.09
CA ASN D 172 29.11 -7.45 -33.09
C ASN D 172 30.39 -6.89 -32.47
N SER D 173 30.89 -7.60 -31.47
CA SER D 173 32.09 -7.25 -30.71
C SER D 173 32.00 -5.85 -30.11
N GLY D 174 30.80 -5.44 -29.73
CA GLY D 174 30.60 -4.19 -29.02
C GLY D 174 30.15 -3.05 -29.89
N ALA D 175 30.39 -3.17 -31.19
CA ALA D 175 29.92 -2.22 -32.19
C ALA D 175 28.40 -1.95 -32.07
N LEU D 176 27.62 -2.99 -32.25
CA LEU D 176 26.17 -2.84 -32.35
C LEU D 176 25.55 -2.65 -30.99
N THR D 177 25.11 -1.43 -30.66
CA THR D 177 24.59 -1.22 -29.30
C THR D 177 23.16 -0.68 -29.25
N SER D 178 22.83 0.33 -30.05
CA SER D 178 21.48 0.86 -29.98
C SER D 178 20.52 -0.15 -30.58
N GLY D 179 19.40 -0.36 -29.90
CA GLY D 179 18.44 -1.36 -30.31
C GLY D 179 18.54 -2.62 -29.47
N VAL D 180 19.50 -2.66 -28.56
CA VAL D 180 19.75 -3.88 -27.78
C VAL D 180 19.00 -3.90 -26.45
N HIS D 181 18.39 -5.04 -26.15
CA HIS D 181 17.90 -5.35 -24.81
C HIS D 181 18.43 -6.70 -24.38
N THR D 182 19.13 -6.74 -23.25
CA THR D 182 19.49 -8.00 -22.63
C THR D 182 18.69 -8.13 -21.36
N PHE D 183 17.85 -9.16 -21.29
CA PHE D 183 16.94 -9.26 -20.15
C PHE D 183 17.64 -9.79 -18.92
N PRO D 184 17.05 -9.55 -17.76
CA PRO D 184 17.50 -10.25 -16.57
C PRO D 184 17.56 -11.76 -16.82
N ALA D 185 18.53 -12.42 -16.22
CA ALA D 185 18.52 -13.86 -16.21
C ALA D 185 17.23 -14.34 -15.58
N VAL D 186 16.97 -15.62 -15.75
CA VAL D 186 15.83 -16.23 -15.12
C VAL D 186 16.35 -17.54 -14.53
N LEU D 187 15.77 -17.96 -13.41
CA LEU D 187 16.26 -19.14 -12.72
C LEU D 187 15.30 -20.29 -13.03
N GLN D 188 15.79 -21.29 -13.75
CA GLN D 188 14.94 -22.44 -14.11
C GLN D 188 14.79 -23.41 -12.93
N SER D 189 13.77 -24.26 -12.98
CA SER D 189 13.53 -25.29 -11.97
C SER D 189 14.73 -26.22 -11.78
N SER D 190 15.56 -26.33 -12.81
CA SER D 190 16.79 -27.13 -12.75
C SER D 190 17.89 -26.55 -11.84
N GLY D 191 17.68 -25.35 -11.31
CA GLY D 191 18.71 -24.66 -10.56
C GLY D 191 19.70 -23.95 -11.47
N LEU D 192 19.33 -23.81 -12.75
CA LEU D 192 20.14 -23.20 -13.81
C LEU D 192 19.56 -21.91 -14.36
N TYR D 193 20.44 -21.00 -14.77
CA TYR D 193 20.04 -19.70 -15.30
C TYR D 193 19.95 -19.70 -16.84
N SER D 194 19.13 -18.81 -17.40
CA SER D 194 19.09 -18.58 -18.86
C SER D 194 18.45 -17.24 -19.21
N LEU D 195 19.16 -16.43 -19.97
CA LEU D 195 18.61 -15.17 -20.42
C LEU D 195 18.50 -15.15 -21.92
N SER D 196 17.87 -14.07 -22.40
CA SER D 196 17.87 -13.75 -23.81
C SER D 196 18.46 -12.37 -24.00
N SER D 197 19.15 -12.19 -25.11
CA SER D 197 19.51 -10.85 -25.53
C SER D 197 18.93 -10.60 -26.90
N VAL D 198 18.53 -9.36 -27.15
CA VAL D 198 17.71 -9.07 -28.30
C VAL D 198 18.08 -7.73 -28.97
N VAL D 199 18.03 -7.69 -30.30
CA VAL D 199 18.27 -6.47 -31.09
C VAL D 199 17.15 -6.23 -32.08
N THR D 200 16.86 -4.96 -32.35
CA THR D 200 16.04 -4.63 -33.48
C THR D 200 16.93 -3.92 -34.50
N VAL D 201 16.79 -4.33 -35.76
CA VAL D 201 17.54 -3.75 -36.88
C VAL D 201 16.54 -3.45 -38.02
N PRO D 202 16.95 -2.60 -38.98
CA PRO D 202 16.12 -2.48 -40.19
C PRO D 202 16.10 -3.81 -40.97
N SER D 203 14.93 -4.21 -41.46
CA SER D 203 14.76 -5.51 -42.09
C SER D 203 15.68 -5.71 -43.27
N SER D 204 15.90 -4.65 -44.03
CA SER D 204 16.63 -4.77 -45.27
C SER D 204 18.13 -4.90 -45.09
N SER D 205 18.57 -5.05 -43.85
CA SER D 205 20.01 -5.21 -43.58
C SER D 205 20.36 -6.67 -43.38
N LEU D 206 19.33 -7.48 -43.17
CA LEU D 206 19.49 -8.90 -42.89
C LEU D 206 20.27 -9.65 -43.99
N GLY D 207 20.16 -9.16 -45.23
CA GLY D 207 20.92 -9.69 -46.36
C GLY D 207 22.36 -9.20 -46.38
N THR D 208 22.58 -7.98 -45.93
CA THR D 208 23.86 -7.31 -46.09
C THR D 208 24.72 -7.29 -44.81
N GLN D 209 24.08 -7.11 -43.65
CA GLN D 209 24.77 -7.06 -42.36
C GLN D 209 24.86 -8.40 -41.62
N THR D 210 26.06 -8.74 -41.17
CA THR D 210 26.22 -9.86 -40.28
C THR D 210 25.92 -9.46 -38.84
N TYR D 211 25.23 -10.34 -38.12
CA TYR D 211 24.94 -10.16 -36.71
C TYR D 211 25.50 -11.32 -35.90
N ILE D 212 26.35 -11.00 -34.93
CA ILE D 212 26.99 -12.01 -34.10
C ILE D 212 26.76 -11.77 -32.62
N CYS D 213 26.41 -12.83 -31.90
CA CYS D 213 26.30 -12.81 -30.44
C CYS D 213 27.68 -12.92 -29.79
N ASN D 214 27.94 -12.13 -28.76
CA ASN D 214 29.18 -12.32 -28.02
C ASN D 214 28.89 -12.67 -26.58
N VAL D 215 28.70 -13.96 -26.32
CA VAL D 215 28.35 -14.42 -24.97
C VAL D 215 29.60 -14.79 -24.17
N ASN D 216 29.80 -14.12 -23.04
CA ASN D 216 30.96 -14.38 -22.20
C ASN D 216 30.56 -14.83 -20.78
N HIS D 217 31.07 -15.98 -20.35
CA HIS D 217 30.76 -16.52 -19.02
C HIS D 217 32.04 -16.88 -18.28
N LYS D 218 32.59 -15.91 -17.55
CA LYS D 218 33.82 -16.06 -16.78
C LYS D 218 33.83 -17.25 -15.80
N PRO D 219 32.74 -17.44 -15.00
CA PRO D 219 32.71 -18.60 -14.10
C PRO D 219 32.85 -19.97 -14.78
N SER D 220 33.14 -20.01 -16.07
CA SER D 220 33.31 -21.28 -16.78
C SER D 220 34.37 -21.12 -17.87
N ASN D 221 35.09 -20.00 -17.77
CA ASN D 221 35.97 -19.51 -18.84
C ASN D 221 35.45 -19.80 -20.26
N THR D 222 34.15 -19.52 -20.45
CA THR D 222 33.44 -19.73 -21.72
C THR D 222 33.33 -18.45 -22.53
N LYS D 223 33.84 -18.47 -23.75
CA LYS D 223 33.62 -17.42 -24.73
C LYS D 223 32.94 -18.02 -25.98
N VAL D 224 31.77 -17.51 -26.30
CA VAL D 224 31.04 -18.03 -27.45
C VAL D 224 30.59 -16.94 -28.43
N ASP D 225 30.85 -17.15 -29.71
CA ASP D 225 30.36 -16.23 -30.77
C ASP D 225 29.37 -16.92 -31.72
N LYS D 226 28.10 -16.53 -31.65
CA LYS D 226 27.07 -17.15 -32.49
C LYS D 226 26.60 -16.25 -33.63
N LYS D 227 26.82 -16.69 -34.86
CA LYS D 227 26.29 -15.98 -36.00
C LYS D 227 24.77 -16.18 -36.05
N VAL D 228 24.02 -15.08 -36.04
CA VAL D 228 22.57 -15.15 -36.15
C VAL D 228 22.14 -14.77 -37.57
N GLU D 229 21.50 -15.70 -38.28
CA GLU D 229 21.11 -15.46 -39.68
C GLU D 229 19.61 -15.61 -39.92
N PRO D 230 19.11 -15.08 -41.03
CA PRO D 230 17.66 -15.12 -41.16
C PRO D 230 17.14 -16.53 -41.42
N LYS D 231 15.87 -16.75 -41.07
CA LYS D 231 15.25 -18.07 -41.09
C LYS D 231 14.02 -18.02 -41.98
N SER D 232 13.87 -19.03 -42.83
CA SER D 232 12.68 -19.16 -43.65
C SER D 232 11.45 -19.48 -42.81
N CYS D 233 10.38 -18.70 -42.98
CA CYS D 233 9.13 -19.03 -42.30
C CYS D 233 7.92 -18.95 -43.20
N ASP D 234 6.81 -19.51 -42.73
CA ASP D 234 5.56 -19.53 -43.50
C ASP D 234 4.98 -18.14 -43.74
N LYS D 235 3.92 -18.07 -44.53
CA LYS D 235 3.33 -16.78 -44.85
C LYS D 235 1.82 -16.76 -44.60
N THR D 236 1.33 -17.52 -43.61
CA THR D 236 -0.10 -17.51 -43.28
C THR D 236 -0.31 -17.76 -41.79
S SO4 E . -9.66 -15.88 5.42
O1 SO4 E . -10.47 -14.68 5.56
O2 SO4 E . -9.25 -16.34 6.75
O3 SO4 E . -10.44 -16.91 4.74
O4 SO4 E . -8.47 -15.58 4.60
S SO4 F . -9.51 20.77 -8.04
O1 SO4 F . -9.03 21.41 -6.81
O2 SO4 F . -9.34 19.30 -7.92
O3 SO4 F . -10.92 21.12 -8.27
O4 SO4 F . -8.71 21.27 -9.16
S SO4 G . -27.01 -8.84 -25.24
O1 SO4 G . -26.62 -8.49 -23.86
O2 SO4 G . -28.45 -9.08 -25.29
O3 SO4 G . -26.71 -7.72 -26.14
O4 SO4 G . -26.30 -10.05 -25.68
C1 GOL H . -9.34 -5.45 -19.08
O1 GOL H . -8.08 -5.42 -18.45
C2 GOL H . -10.03 -4.09 -19.10
O2 GOL H . -10.34 -3.82 -20.45
C3 GOL H . -11.34 -4.25 -18.35
O3 GOL H . -12.00 -3.01 -18.24
S SO4 I . 21.74 17.07 -7.90
O1 SO4 I . 21.57 18.40 -7.28
O2 SO4 I . 23.04 16.53 -7.53
O3 SO4 I . 20.69 16.16 -7.42
O4 SO4 I . 21.63 17.17 -9.36
S SO4 J . 20.50 12.03 -5.55
O1 SO4 J . 21.07 11.44 -4.32
O2 SO4 J . 20.58 11.04 -6.64
O3 SO4 J . 19.09 12.39 -5.32
O4 SO4 J . 21.30 13.20 -5.92
S SO4 K . 34.87 -18.33 2.70
O1 SO4 K . 34.27 -17.06 2.24
O2 SO4 K . 33.94 -19.03 3.62
O3 SO4 K . 35.15 -19.20 1.56
O4 SO4 K . 36.13 -18.04 3.38
C1 GOL L . 33.90 7.58 13.18
O1 GOL L . 35.19 7.08 12.98
C2 GOL L . 33.04 6.51 13.84
O2 GOL L . 33.83 6.03 14.89
C3 GOL L . 31.77 7.19 14.36
O3 GOL L . 30.77 6.23 14.62
#